data_8PJB
#
_entry.id   8PJB
#
_cell.length_a   1.00
_cell.length_b   1.00
_cell.length_c   1.00
_cell.angle_alpha   90.00
_cell.angle_beta   90.00
_cell.angle_gamma   90.00
#
_symmetry.space_group_name_H-M   'P 1'
#
loop_
_entity.id
_entity.type
_entity.pdbx_description
1 polymer 'Dosage compensation regulator'
2 polymer "RNA (5'-R(P*CP*UP*CP*UP*UP*UP*CP*UP*U)-3')"
3 non-polymer "ADENOSINE-5'-DIPHOSPHATE"
4 non-polymer 'MAGNESIUM ION'
#
loop_
_entity_poly.entity_id
_entity_poly.type
_entity_poly.pdbx_seq_one_letter_code
_entity_poly.pdbx_strand_id
1 'polypeptide(L)'
;MDIKSFLYQFCAKSQIEPKFDIRQTGPKNRQRFLCEVRVEPNTYIGVGNSTNKKDAEKNACRDFVNYLVRVGKLNTNDVP
ADAGASGGGPRTGLEGAGMAGGSGQQKRVFDGQSGPQDLGEAYRPLNHDGGDGGNRYSVIDRIQEQRDMNEAEAFDVNAA
IHGNWTIENAKERLNIYKQTNNIRDDYKYTPVGPEHARSFLAELSIYVPALNRTVTARESGSNKKSASKSCALSLVRQLF
HLNVIEPFSGTLKKKKDEQLKPYPVKLSPNLINKIDEVIKGLDLPVVNPRNIKIELDGPPIPLIVNLSRIDSSQQDGEKR
QESSVIPWAPPQANWNTWHACNIDEGELATTSIDDLSMDYERSLRDRRQNDNEYRQFLEFREKLPIAAMRSEILTAINDN
PVVIIRGNTGCGKTTQIAQYILDDYICSGQGGYANIYVTQPRRISAISVAERVARERCEQLGDTVGYSVRFESVFPRPYG
AILFCTVGVLLRKLEAGLRGVSHIIVDEIHERDVNSDFLLVILRDMVDTYPDLHVILMSATIDTTKFSKYFGICPVLEVP
GRAFPVQQFFLEDIIQMTDFVPSAESRRKRKEVEDEEQLLSEDKDEAEINYNKVCEDKYSQKTRNAMAMLSESDVSFELL
EALLMHIKSKNIPGAILVFLPGWNLIFALMKFLQNTNIFGDTSQYQILPCHSQIPRDEQRKVFEPVPEGVTKIILSTNIA
ETSITIDDIVFVIDICKARMKLFTSHNNLTSYATVWASKTNLEQRKGRAGRVRPGFCFTLCSRARFQALEDNLTPEMFRT
PLHEMALTIKLLRLGSIHHFLSKALEPPPVDAVIEAEVLLREMRCLDANDELTPLGRLLARLPIEPRLGKMMVLGAVFGC
ADLMAIMASYSSTFSEVFSLDIGQRRLANHQKALSGTKCSDHVAMIVASQMWRREKQRGEHMEARFCDWKGLQMSTMNVI
WDAKQQLLDLLQQAGFPEECMISHEVDERIDGDDPVLDVSLALLCLGLYPNICVHKEKRKVLTTESKAALLHKTSVNCSN
LAVTFPYPFFVFGEKIRTRAVSCKQLSMVSPLQVILFGSRKIDLAANNIVRVDNWLNFDIEPELAAKIGALKPALEDLIT
VACDNPSDILRLEEPYAQLVKVVKDLCVKSAGDFGLQR
;
A
2 'polyribonucleotide' CCUCUUUCUUUC C
#
# COMPACT_ATOMS: atom_id res chain seq x y z
N GLU A 145 -31.48 7.62 -13.66
CA GLU A 145 -30.37 8.56 -13.72
C GLU A 145 -29.05 7.85 -14.03
N GLN A 146 -27.97 8.36 -13.43
CA GLN A 146 -26.63 7.74 -13.44
C GLN A 146 -26.15 7.33 -14.83
N ARG A 147 -26.51 8.07 -15.89
CA ARG A 147 -25.81 7.85 -17.15
C ARG A 147 -24.35 8.30 -17.05
N ASP A 148 -24.08 9.27 -16.17
CA ASP A 148 -22.74 9.81 -16.02
C ASP A 148 -21.76 8.74 -15.55
N MET A 149 -22.22 7.84 -14.66
CA MET A 149 -21.35 6.77 -14.20
C MET A 149 -20.95 5.85 -15.34
N ASN A 150 -21.91 5.47 -16.19
CA ASN A 150 -21.59 4.63 -17.35
C ASN A 150 -20.65 5.33 -18.30
N GLU A 151 -20.89 6.63 -18.55
CA GLU A 151 -20.01 7.38 -19.44
C GLU A 151 -18.59 7.46 -18.88
N ALA A 152 -18.47 7.64 -17.56
CA ALA A 152 -17.15 7.76 -16.95
C ALA A 152 -16.43 6.42 -16.91
N GLU A 153 -17.18 5.32 -16.70
CA GLU A 153 -16.54 4.02 -16.62
C GLU A 153 -16.19 3.47 -18.01
N ALA A 154 -16.88 3.92 -19.05
CA ALA A 154 -16.49 3.56 -20.41
C ALA A 154 -15.21 4.25 -20.85
N PHE A 155 -14.72 5.21 -20.06
CA PHE A 155 -13.55 6.00 -20.44
C PHE A 155 -12.29 5.14 -20.44
N ASP A 156 -11.40 5.42 -21.39
CA ASP A 156 -10.15 4.70 -21.55
C ASP A 156 -9.02 5.70 -21.71
N VAL A 157 -7.83 5.34 -21.21
CA VAL A 157 -6.69 6.25 -21.25
C VAL A 157 -5.52 5.65 -22.02
N ASN A 158 -5.42 4.32 -22.05
CA ASN A 158 -4.25 3.65 -22.58
C ASN A 158 -4.62 2.69 -23.70
N ALA A 159 -5.62 3.04 -24.50
CA ALA A 159 -6.01 2.20 -25.63
C ALA A 159 -4.96 2.17 -26.73
N ALA A 160 -4.07 3.18 -26.78
CA ALA A 160 -3.12 3.27 -27.87
C ALA A 160 -2.09 2.14 -27.81
N ILE A 161 -1.55 1.87 -26.62
CA ILE A 161 -0.50 0.86 -26.49
C ILE A 161 -1.01 -0.56 -26.71
N HIS A 162 -2.26 -0.84 -26.37
CA HIS A 162 -2.81 -2.19 -26.45
C HIS A 162 -3.52 -2.44 -27.77
N GLY A 163 -3.05 -1.82 -28.85
CA GLY A 163 -3.59 -2.06 -30.17
C GLY A 163 -5.02 -1.59 -30.38
N ASN A 164 -5.37 -0.42 -29.81
CA ASN A 164 -6.68 0.19 -30.01
C ASN A 164 -7.81 -0.71 -29.53
N TRP A 165 -7.57 -1.50 -28.49
CA TRP A 165 -8.61 -2.33 -27.89
C TRP A 165 -9.18 -1.59 -26.69
N THR A 166 -10.48 -1.31 -26.75
CA THR A 166 -11.17 -0.54 -25.71
C THR A 166 -12.48 -1.24 -25.34
N ILE A 167 -13.22 -0.64 -24.42
CA ILE A 167 -14.45 -1.25 -23.92
C ILE A 167 -15.44 -1.48 -25.05
N GLU A 168 -15.56 -0.53 -25.98
CA GLU A 168 -16.63 -0.56 -26.96
C GLU A 168 -16.59 -1.76 -27.89
N ASN A 169 -15.41 -2.36 -28.11
CA ASN A 169 -15.31 -3.55 -28.94
C ASN A 169 -14.78 -4.76 -28.19
N ALA A 170 -14.41 -4.61 -26.91
CA ALA A 170 -13.82 -5.72 -26.18
C ALA A 170 -14.81 -6.88 -26.01
N LYS A 171 -16.05 -6.58 -25.63
CA LYS A 171 -17.03 -7.65 -25.43
C LYS A 171 -17.34 -8.35 -26.74
N GLU A 172 -17.46 -7.59 -27.83
CA GLU A 172 -17.70 -8.21 -29.13
C GLU A 172 -16.55 -9.12 -29.53
N ARG A 173 -15.31 -8.65 -29.35
CA ARG A 173 -14.16 -9.48 -29.72
C ARG A 173 -14.07 -10.73 -28.85
N LEU A 174 -14.34 -10.59 -27.55
CA LEU A 174 -14.29 -11.74 -26.66
C LEU A 174 -15.37 -12.76 -27.01
N ASN A 175 -16.58 -12.29 -27.35
CA ASN A 175 -17.63 -13.20 -27.77
C ASN A 175 -17.26 -13.92 -29.06
N ILE A 176 -16.67 -13.19 -30.01
CA ILE A 176 -16.24 -13.82 -31.26
C ILE A 176 -15.18 -14.87 -30.99
N TYR A 177 -14.22 -14.57 -30.13
CA TYR A 177 -13.15 -15.53 -29.82
C TYR A 177 -13.71 -16.76 -29.11
N LYS A 178 -14.65 -16.56 -28.19
CA LYS A 178 -15.24 -17.70 -27.49
C LYS A 178 -16.05 -18.57 -28.45
N GLN A 179 -16.78 -17.94 -29.37
CA GLN A 179 -17.52 -18.71 -30.37
C GLN A 179 -16.57 -19.49 -31.27
N THR A 180 -15.46 -18.87 -31.67
CA THR A 180 -14.52 -19.55 -32.56
C THR A 180 -13.87 -20.74 -31.87
N ASN A 181 -13.44 -20.58 -30.61
CA ASN A 181 -12.74 -21.62 -29.88
C ASN A 181 -13.66 -22.41 -28.96
N ASN A 182 -14.96 -22.46 -29.29
CA ASN A 182 -15.98 -23.25 -28.59
C ASN A 182 -15.76 -23.28 -27.07
N ILE A 183 -15.54 -22.10 -26.50
CA ILE A 183 -15.39 -21.95 -25.06
C ILE A 183 -16.73 -21.58 -24.46
N ARG A 184 -17.20 -22.39 -23.50
CA ARG A 184 -18.49 -22.18 -22.87
C ARG A 184 -18.39 -21.45 -21.55
N ASP A 185 -17.22 -20.90 -21.26
CA ASP A 185 -17.01 -20.21 -19.95
C ASP A 185 -17.76 -18.88 -19.92
N ASP A 186 -18.01 -18.32 -18.74
CA ASP A 186 -18.85 -17.11 -18.66
C ASP A 186 -18.48 -16.31 -17.42
N TYR A 187 -18.98 -15.08 -17.28
CA TYR A 187 -18.59 -14.21 -16.16
C TYR A 187 -19.05 -14.81 -14.83
N LYS A 188 -18.37 -14.43 -13.75
CA LYS A 188 -18.70 -14.99 -12.43
C LYS A 188 -19.08 -13.84 -11.51
N TYR A 189 -19.85 -12.89 -12.02
CA TYR A 189 -20.28 -11.72 -11.21
C TYR A 189 -20.31 -12.11 -9.74
N THR A 190 -19.36 -11.63 -8.94
CA THR A 190 -19.22 -11.99 -7.51
C THR A 190 -19.72 -10.86 -6.63
N PRO A 191 -21.02 -10.68 -6.39
CA PRO A 191 -21.48 -9.50 -5.69
C PRO A 191 -20.68 -9.19 -4.46
N VAL A 192 -20.46 -7.91 -4.21
CA VAL A 192 -19.63 -7.45 -3.07
C VAL A 192 -20.12 -6.06 -2.69
N GLY A 193 -19.23 -5.18 -2.29
CA GLY A 193 -19.69 -3.85 -1.84
C GLY A 193 -20.97 -3.94 -1.04
N PRO A 194 -20.93 -4.15 0.29
CA PRO A 194 -22.12 -4.33 1.12
C PRO A 194 -23.51 -4.20 0.47
N GLU A 195 -24.31 -3.22 0.88
CA GLU A 195 -25.70 -3.13 0.37
C GLU A 195 -26.09 -1.65 0.21
N HIS A 196 -25.46 -0.78 1.00
CA HIS A 196 -25.71 0.67 0.80
C HIS A 196 -24.89 1.13 -0.40
N ALA A 197 -24.09 0.23 -0.96
CA ALA A 197 -23.26 0.54 -2.14
C ALA A 197 -23.12 -0.73 -2.98
N ARG A 198 -24.21 -1.29 -3.47
CA ARG A 198 -24.11 -2.63 -4.10
C ARG A 198 -23.25 -2.57 -5.35
N SER A 199 -21.95 -2.64 -5.20
CA SER A 199 -21.10 -2.71 -6.38
C SER A 199 -21.15 -4.15 -6.87
N PHE A 200 -20.16 -4.54 -7.62
CA PHE A 200 -20.10 -5.96 -8.01
C PHE A 200 -18.65 -6.18 -8.35
N LEU A 201 -18.43 -7.29 -8.96
CA LEU A 201 -17.05 -7.64 -9.28
C LEU A 201 -17.24 -8.66 -10.40
N ALA A 202 -16.17 -9.16 -10.98
CA ALA A 202 -16.36 -10.01 -12.14
C ALA A 202 -15.04 -10.67 -12.40
N GLU A 203 -15.04 -11.74 -13.18
CA GLU A 203 -13.81 -12.54 -13.38
C GLU A 203 -14.08 -13.64 -14.36
N LEU A 204 -13.63 -13.51 -15.58
CA LEU A 204 -13.81 -14.64 -16.50
C LEU A 204 -12.60 -15.52 -16.22
N SER A 205 -12.31 -16.45 -17.09
CA SER A 205 -11.08 -17.25 -16.93
C SER A 205 -10.85 -18.04 -18.21
N ILE A 206 -10.59 -17.36 -19.31
CA ILE A 206 -10.49 -18.12 -20.57
C ILE A 206 -9.21 -18.94 -20.51
N TYR A 207 -9.13 -20.05 -21.27
CA TYR A 207 -7.96 -20.94 -21.26
C TYR A 207 -7.43 -21.02 -22.68
N VAL A 208 -6.17 -20.63 -22.88
CA VAL A 208 -5.56 -20.65 -24.24
C VAL A 208 -4.82 -21.97 -24.43
N PRO A 209 -5.39 -22.94 -25.14
CA PRO A 209 -4.77 -24.24 -25.24
C PRO A 209 -3.44 -24.15 -25.99
N ALA A 210 -3.45 -23.47 -27.12
CA ALA A 210 -2.22 -23.42 -27.95
C ALA A 210 -1.00 -23.09 -27.09
N LEU A 211 -1.04 -22.00 -26.32
CA LEU A 211 0.16 -21.58 -25.53
C LEU A 211 0.16 -22.32 -24.19
N ASN A 212 -0.97 -22.90 -23.79
CA ASN A 212 -1.10 -23.70 -22.54
C ASN A 212 -1.15 -22.81 -21.31
N ARG A 213 -1.15 -21.50 -21.48
CA ARG A 213 -1.31 -20.62 -20.30
C ARG A 213 -2.79 -20.57 -19.93
N THR A 214 -3.14 -19.81 -18.92
CA THR A 214 -4.58 -19.63 -18.64
C THR A 214 -4.81 -18.15 -18.40
N VAL A 215 -5.12 -17.39 -19.46
CA VAL A 215 -5.25 -15.92 -19.36
C VAL A 215 -6.54 -15.55 -18.63
N THR A 216 -6.42 -14.83 -17.52
CA THR A 216 -7.61 -14.56 -16.67
C THR A 216 -7.67 -13.11 -16.23
N ALA A 217 -8.80 -12.69 -15.69
CA ALA A 217 -8.93 -11.29 -15.31
C ALA A 217 -9.77 -11.20 -14.06
N ARG A 218 -9.69 -10.08 -13.38
CA ARG A 218 -10.51 -9.83 -12.18
C ARG A 218 -10.72 -8.33 -12.13
N GLU A 219 -11.96 -7.84 -12.24
CA GLU A 219 -12.15 -6.37 -12.35
C GLU A 219 -13.29 -5.94 -11.45
N SER A 220 -13.38 -4.66 -11.14
CA SER A 220 -14.50 -4.14 -10.33
C SER A 220 -15.62 -3.66 -11.25
N GLY A 221 -16.63 -2.96 -10.71
CA GLY A 221 -17.79 -2.54 -11.51
C GLY A 221 -18.76 -1.81 -10.63
N SER A 222 -19.71 -1.04 -11.15
CA SER A 222 -20.70 -0.41 -10.23
C SER A 222 -22.07 -0.99 -10.52
N ASN A 223 -22.12 -1.92 -11.45
CA ASN A 223 -23.35 -2.67 -11.77
C ASN A 223 -22.86 -3.76 -12.71
N LYS A 224 -23.28 -5.00 -12.50
CA LYS A 224 -22.74 -6.11 -13.31
C LYS A 224 -22.29 -5.59 -14.67
N LYS A 225 -23.20 -5.04 -15.44
CA LYS A 225 -22.88 -4.55 -16.79
C LYS A 225 -21.47 -4.00 -16.86
N SER A 226 -21.21 -2.84 -16.26
CA SER A 226 -19.88 -2.21 -16.45
C SER A 226 -18.72 -3.15 -16.10
N ALA A 227 -18.81 -3.93 -15.02
CA ALA A 227 -17.67 -4.76 -14.61
C ALA A 227 -17.35 -5.69 -15.75
N SER A 228 -18.35 -6.40 -16.23
CA SER A 228 -18.12 -7.36 -17.31
C SER A 228 -17.38 -6.71 -18.47
N LYS A 229 -17.70 -5.44 -18.77
CA LYS A 229 -16.98 -4.74 -19.82
C LYS A 229 -15.50 -4.61 -19.49
N SER A 230 -15.19 -4.23 -18.25
CA SER A 230 -13.79 -4.08 -17.85
C SER A 230 -13.06 -5.41 -17.87
N CYS A 231 -13.72 -6.47 -17.39
CA CYS A 231 -13.10 -7.80 -17.42
C CYS A 231 -12.83 -8.25 -18.84
N ALA A 232 -13.79 -8.03 -19.75
CA ALA A 232 -13.61 -8.39 -21.14
C ALA A 232 -12.47 -7.60 -21.77
N LEU A 233 -12.37 -6.31 -21.43
CA LEU A 233 -11.27 -5.51 -21.96
C LEU A 233 -9.93 -6.03 -21.49
N SER A 234 -9.83 -6.37 -20.19
CA SER A 234 -8.57 -6.90 -19.67
C SER A 234 -8.21 -8.21 -20.35
N LEU A 235 -9.21 -9.11 -20.51
CA LEU A 235 -8.94 -10.39 -21.15
C LEU A 235 -8.51 -10.21 -22.61
N VAL A 236 -9.18 -9.31 -23.33
CA VAL A 236 -8.85 -9.09 -24.74
C VAL A 236 -7.44 -8.52 -24.87
N ARG A 237 -7.09 -7.54 -24.03
CA ARG A 237 -5.75 -6.97 -24.06
C ARG A 237 -4.70 -8.03 -23.76
N GLN A 238 -4.94 -8.83 -22.72
CA GLN A 238 -4.00 -9.89 -22.37
C GLN A 238 -3.81 -10.85 -23.53
N LEU A 239 -4.92 -11.35 -24.09
CA LEU A 239 -4.82 -12.27 -25.22
C LEU A 239 -4.11 -11.65 -26.41
N PHE A 240 -4.27 -10.34 -26.60
CA PHE A 240 -3.51 -9.66 -27.65
C PHE A 240 -2.02 -9.72 -27.36
N HIS A 241 -1.64 -9.52 -26.10
CA HIS A 241 -0.22 -9.39 -25.78
C HIS A 241 0.58 -10.64 -26.10
N LEU A 242 0.03 -11.83 -25.81
CA LEU A 242 0.71 -13.05 -26.23
C LEU A 242 0.45 -13.42 -27.69
N ASN A 243 -0.06 -12.48 -28.49
CA ASN A 243 -0.23 -12.68 -29.93
C ASN A 243 -1.14 -13.87 -30.25
N VAL A 244 -2.37 -13.80 -29.78
CA VAL A 244 -3.37 -14.79 -30.19
C VAL A 244 -4.53 -14.14 -30.93
N ILE A 245 -4.61 -12.81 -30.88
CA ILE A 245 -5.63 -12.05 -31.60
C ILE A 245 -4.98 -10.86 -32.27
N GLU A 246 -5.43 -10.54 -33.47
CA GLU A 246 -4.89 -9.42 -34.21
C GLU A 246 -5.30 -8.10 -33.57
N PRO A 247 -4.47 -7.06 -33.69
CA PRO A 247 -4.84 -5.76 -33.13
C PRO A 247 -6.00 -5.13 -33.89
N PHE A 248 -6.89 -4.45 -33.15
CA PHE A 248 -8.09 -3.81 -33.77
C PHE A 248 -7.59 -2.71 -34.68
N SER A 249 -8.37 -2.34 -35.68
CA SER A 249 -7.81 -1.36 -36.64
C SER A 249 -8.90 -0.58 -37.36
N GLY A 250 -10.16 -1.01 -37.25
CA GLY A 250 -11.25 -0.37 -38.02
C GLY A 250 -11.67 0.98 -37.46
N THR A 251 -12.85 1.06 -36.86
CA THR A 251 -13.33 2.39 -36.41
C THR A 251 -14.20 2.27 -35.15
N LEU A 252 -14.23 3.31 -34.33
CA LEU A 252 -15.08 3.31 -33.12
C LEU A 252 -16.20 4.33 -33.33
N LYS A 253 -16.09 5.51 -32.72
CA LYS A 253 -17.15 6.54 -32.81
C LYS A 253 -16.70 7.83 -32.10
N LYS A 254 -17.52 8.89 -32.15
CA LYS A 254 -17.20 10.15 -31.44
C LYS A 254 -18.50 10.87 -31.07
N LYS A 255 -18.73 11.10 -29.78
CA LYS A 255 -19.95 11.78 -29.30
C LYS A 255 -19.57 13.16 -28.78
N LYS A 256 -18.33 13.29 -28.27
CA LYS A 256 -17.82 14.57 -27.71
C LYS A 256 -18.95 15.49 -27.29
N ASP A 257 -19.24 16.53 -28.08
CA ASP A 257 -20.29 17.51 -27.71
C ASP A 257 -19.84 18.23 -26.43
N GLU A 258 -20.70 19.05 -25.84
CA GLU A 258 -20.35 19.68 -24.53
C GLU A 258 -18.96 20.28 -24.59
N GLN A 259 -18.45 20.60 -25.78
CA GLN A 259 -17.09 21.14 -25.74
C GLN A 259 -17.04 22.37 -24.85
N LEU A 260 -16.06 22.41 -23.95
CA LEU A 260 -15.94 23.51 -22.99
C LEU A 260 -15.54 24.80 -23.69
N LYS A 261 -16.07 25.92 -23.23
CA LYS A 261 -15.73 27.20 -23.85
C LYS A 261 -14.27 27.53 -23.59
N PRO A 262 -13.60 28.22 -24.52
CA PRO A 262 -12.18 28.53 -24.33
C PRO A 262 -11.95 29.45 -23.14
N TYR A 263 -10.81 29.26 -22.47
CA TYR A 263 -10.42 30.11 -21.35
C TYR A 263 -9.33 31.06 -21.82
N PRO A 264 -9.57 32.37 -21.85
CA PRO A 264 -8.57 33.29 -22.39
C PRO A 264 -7.37 33.41 -21.45
N VAL A 265 -6.18 33.30 -22.05
CA VAL A 265 -4.91 33.45 -21.32
C VAL A 265 -4.04 34.41 -22.11
N LYS A 266 -3.52 35.43 -21.43
CA LYS A 266 -2.66 36.43 -22.03
C LYS A 266 -1.40 36.60 -21.18
N LEU A 267 -0.30 36.97 -21.83
CA LEU A 267 0.98 37.14 -21.17
C LEU A 267 1.54 38.52 -21.45
N SER A 268 2.25 39.07 -20.47
CA SER A 268 2.83 40.40 -20.58
C SER A 268 3.99 40.41 -21.57
N PRO A 269 4.23 41.54 -22.24
CA PRO A 269 5.28 41.57 -23.27
C PRO A 269 6.65 41.20 -22.76
N ASN A 270 6.99 41.61 -21.53
CA ASN A 270 8.28 41.22 -20.96
C ASN A 270 8.38 39.71 -20.81
N LEU A 271 7.29 39.07 -20.39
CA LEU A 271 7.29 37.61 -20.28
C LEU A 271 7.53 36.96 -21.64
N ILE A 272 6.85 37.45 -22.68
CA ILE A 272 7.00 36.85 -24.01
C ILE A 272 8.41 37.03 -24.54
N ASN A 273 8.98 38.22 -24.39
CA ASN A 273 10.34 38.40 -24.92
C ASN A 273 11.37 37.68 -24.08
N LYS A 274 11.14 37.53 -22.77
CA LYS A 274 12.02 36.68 -21.96
C LYS A 274 11.96 35.24 -22.43
N ILE A 275 10.77 34.74 -22.74
CA ILE A 275 10.64 33.39 -23.28
C ILE A 275 11.36 33.29 -24.61
N ASP A 276 11.28 34.33 -25.43
CA ASP A 276 11.96 34.33 -26.72
C ASP A 276 13.47 34.22 -26.53
N GLU A 277 14.03 35.01 -25.61
CA GLU A 277 15.46 34.94 -25.36
C GLU A 277 15.86 33.58 -24.80
N VAL A 278 15.04 33.01 -23.92
CA VAL A 278 15.34 31.69 -23.36
C VAL A 278 15.34 30.63 -24.46
N ILE A 279 14.36 30.68 -25.35
CA ILE A 279 14.30 29.73 -26.46
C ILE A 279 15.51 29.89 -27.37
N LYS A 280 15.89 31.15 -27.66
CA LYS A 280 17.07 31.38 -28.49
C LYS A 280 18.32 30.81 -27.84
N GLY A 281 18.47 31.02 -26.53
CA GLY A 281 19.62 30.46 -25.83
C GLY A 281 19.64 28.95 -25.82
N LEU A 282 18.58 28.36 -25.29
CA LEU A 282 18.65 26.89 -25.12
C LEU A 282 18.60 26.25 -26.50
N ASP A 283 18.84 27.04 -27.54
CA ASP A 283 18.87 26.49 -28.93
C ASP A 283 17.65 25.59 -29.18
N LEU A 284 16.48 25.97 -28.69
CA LEU A 284 15.31 25.07 -28.81
C LEU A 284 14.57 25.38 -30.12
N PRO A 285 13.58 24.58 -30.55
CA PRO A 285 12.76 24.92 -31.70
C PRO A 285 12.32 26.39 -31.66
N SER A 323 22.88 -9.81 -18.42
CA SER A 323 22.87 -8.99 -17.21
C SER A 323 23.90 -9.49 -16.21
N SER A 324 24.18 -8.66 -15.20
CA SER A 324 25.11 -9.05 -14.15
C SER A 324 24.42 -9.92 -13.11
N VAL A 325 25.19 -10.36 -12.13
CA VAL A 325 24.70 -11.24 -11.07
C VAL A 325 24.86 -10.55 -9.73
N ILE A 326 23.76 -10.44 -8.98
CA ILE A 326 23.82 -9.95 -7.61
C ILE A 326 24.64 -10.91 -6.75
N PRO A 327 25.62 -10.42 -5.99
CA PRO A 327 26.60 -11.32 -5.38
C PRO A 327 26.24 -11.81 -3.99
N TRP A 328 26.96 -12.86 -3.58
CA TRP A 328 26.88 -13.41 -2.24
C TRP A 328 28.27 -13.87 -1.82
N ALA A 329 28.53 -13.83 -0.52
CA ALA A 329 29.82 -14.25 0.01
C ALA A 329 29.64 -14.72 1.44
N PRO A 330 30.45 -15.67 1.90
CA PRO A 330 30.40 -16.09 3.30
C PRO A 330 30.90 -14.99 4.21
N PRO A 331 30.59 -15.06 5.51
CA PRO A 331 31.07 -14.01 6.42
C PRO A 331 32.58 -13.90 6.41
N GLN A 332 33.08 -12.67 6.47
CA GLN A 332 34.50 -12.38 6.40
C GLN A 332 34.89 -11.46 7.56
N ALA A 333 36.17 -11.53 7.94
CA ALA A 333 36.67 -10.67 9.00
C ALA A 333 36.64 -9.21 8.57
N ASN A 334 36.37 -8.33 9.53
CA ASN A 334 36.29 -6.89 9.31
C ASN A 334 35.24 -6.54 8.25
N TRP A 335 34.08 -7.17 8.36
CA TRP A 335 32.96 -6.91 7.46
C TRP A 335 31.66 -7.04 8.23
N ASN A 336 30.74 -6.09 8.01
CA ASN A 336 29.44 -6.10 8.66
C ASN A 336 28.39 -6.58 7.66
N THR A 337 27.56 -7.53 8.09
CA THR A 337 26.57 -8.12 7.20
C THR A 337 25.41 -7.16 6.93
N TRP A 338 24.89 -6.53 7.97
CA TRP A 338 23.69 -5.70 7.80
C TRP A 338 23.98 -4.45 6.98
N HIS A 339 25.03 -3.72 7.33
CA HIS A 339 25.35 -2.48 6.66
C HIS A 339 26.15 -2.67 5.38
N ALA A 340 26.70 -3.88 5.16
CA ALA A 340 27.48 -4.18 3.96
C ALA A 340 28.62 -3.20 3.76
N CYS A 341 29.28 -2.83 4.85
CA CYS A 341 30.39 -1.89 4.81
C CYS A 341 31.49 -2.35 5.76
N ASN A 342 32.71 -1.94 5.47
CA ASN A 342 33.85 -2.25 6.31
C ASN A 342 33.68 -1.58 7.67
N ILE A 343 34.13 -2.27 8.72
CA ILE A 343 33.96 -1.76 10.08
C ILE A 343 34.95 -0.62 10.35
N ASP A 344 36.24 -0.93 10.31
CA ASP A 344 37.32 0.04 10.48
C ASP A 344 37.19 0.85 11.77
N GLU A 345 36.69 0.25 12.84
CA GLU A 345 36.49 0.97 14.09
C GLU A 345 36.45 -0.02 15.24
N GLY A 346 36.59 0.51 16.46
CA GLY A 346 36.58 -0.33 17.63
C GLY A 346 37.83 -1.18 17.76
N GLU A 347 37.71 -2.26 18.53
CA GLU A 347 38.81 -3.20 18.72
C GLU A 347 38.57 -4.49 17.94
N LEU A 348 37.56 -4.48 17.06
CA LEU A 348 37.25 -5.66 16.25
C LEU A 348 38.02 -5.63 14.93
N ALA A 349 39.33 -5.54 15.06
CA ALA A 349 40.25 -5.54 13.91
C ALA A 349 41.10 -6.80 13.83
N THR A 350 41.73 -7.19 14.93
CA THR A 350 42.54 -8.41 14.98
C THR A 350 41.73 -9.61 15.47
N THR A 351 40.44 -9.45 15.73
CA THR A 351 39.57 -10.53 16.21
C THR A 351 39.09 -11.31 15.00
N SER A 352 39.54 -12.56 14.89
CA SER A 352 39.16 -13.42 13.78
C SER A 352 37.80 -14.06 14.06
N ILE A 353 37.27 -14.75 13.04
CA ILE A 353 35.97 -15.39 13.19
C ILE A 353 36.05 -16.56 14.18
N ASP A 354 37.16 -17.30 14.15
CA ASP A 354 37.30 -18.45 15.05
C ASP A 354 37.30 -18.03 16.51
N ASP A 355 38.04 -16.96 16.84
CA ASP A 355 38.07 -16.49 18.22
C ASP A 355 36.70 -16.00 18.66
N LEU A 356 35.99 -15.29 17.78
CA LEU A 356 34.66 -14.81 18.11
C LEU A 356 33.70 -15.98 18.35
N SER A 357 33.77 -17.02 17.51
CA SER A 357 32.91 -18.18 17.70
C SER A 357 33.24 -18.90 19.00
N MET A 358 34.52 -19.04 19.34
CA MET A 358 34.90 -19.66 20.60
C MET A 358 34.39 -18.85 21.79
N ASP A 359 34.51 -17.52 21.72
CA ASP A 359 34.01 -16.67 22.79
C ASP A 359 32.50 -16.82 22.93
N TYR A 360 31.79 -16.85 21.80
CA TYR A 360 30.34 -17.01 21.83
C TYR A 360 29.94 -18.35 22.45
N GLU A 361 30.66 -19.42 22.08
CA GLU A 361 30.36 -20.74 22.64
C GLU A 361 30.59 -20.76 24.14
N ARG A 362 31.71 -20.19 24.59
CA ARG A 362 31.99 -20.15 26.03
C ARG A 362 30.93 -19.34 26.77
N SER A 363 30.54 -18.19 26.21
CA SER A 363 29.51 -17.37 26.84
C SER A 363 28.18 -18.10 26.92
N LEU A 364 27.80 -18.80 25.83
CA LEU A 364 26.55 -19.55 25.84
C LEU A 364 26.59 -20.67 26.87
N ARG A 365 27.71 -21.39 26.96
CA ARG A 365 27.82 -22.45 27.95
C ARG A 365 27.72 -21.90 29.37
N ASP A 366 28.40 -20.77 29.64
CA ASP A 366 28.33 -20.16 30.96
C ASP A 366 26.90 -19.71 31.27
N ARG A 367 26.22 -19.11 30.29
CA ARG A 367 24.86 -18.66 30.50
C ARG A 367 23.93 -19.84 30.78
N ARG A 368 24.11 -20.94 30.06
CA ARG A 368 23.29 -22.13 30.31
C ARG A 368 23.57 -22.70 31.69
N GLN A 369 24.83 -22.71 32.12
CA GLN A 369 25.19 -23.34 33.38
C GLN A 369 24.80 -22.51 34.59
N ASN A 370 24.93 -21.19 34.52
CA ASN A 370 24.77 -20.32 35.68
C ASN A 370 23.37 -19.74 35.80
N ASP A 371 22.91 -19.01 34.78
CA ASP A 371 21.64 -18.32 34.86
C ASP A 371 20.49 -19.30 34.97
N ASN A 372 19.53 -18.99 35.85
CA ASN A 372 18.40 -19.86 36.07
C ASN A 372 17.16 -19.44 35.29
N GLU A 373 17.02 -18.14 34.99
CA GLU A 373 15.91 -17.71 34.15
C GLU A 373 16.03 -18.27 32.73
N TYR A 374 17.25 -18.27 32.18
CA TYR A 374 17.48 -18.85 30.86
C TYR A 374 17.24 -20.35 30.88
N ARG A 375 17.65 -21.03 31.95
CA ARG A 375 17.39 -22.45 32.09
C ARG A 375 15.89 -22.74 32.15
N GLN A 376 15.15 -21.92 32.90
CA GLN A 376 13.70 -22.08 32.94
C GLN A 376 13.08 -21.86 31.58
N PHE A 377 13.61 -20.90 30.81
CA PHE A 377 13.08 -20.66 29.48
C PHE A 377 13.33 -21.85 28.56
N LEU A 378 14.50 -22.48 28.66
CA LEU A 378 14.71 -23.71 27.90
C LEU A 378 13.80 -24.84 28.38
N GLU A 379 13.55 -24.91 29.69
CA GLU A 379 12.61 -25.91 30.19
C GLU A 379 11.24 -25.73 29.58
N PHE A 380 10.81 -24.47 29.42
CA PHE A 380 9.55 -24.21 28.71
C PHE A 380 9.66 -24.56 27.23
N ARG A 381 10.77 -24.20 26.59
CA ARG A 381 10.89 -24.36 25.15
C ARG A 381 10.92 -25.83 24.74
N GLU A 382 11.49 -26.70 25.58
CA GLU A 382 11.51 -28.12 25.27
C GLU A 382 10.11 -28.73 25.23
N LYS A 383 9.12 -28.06 25.84
CA LYS A 383 7.75 -28.56 25.85
C LYS A 383 6.99 -28.25 24.57
N LEU A 384 7.51 -27.35 23.73
CA LEU A 384 6.81 -26.99 22.51
C LEU A 384 6.81 -28.15 21.52
N PRO A 385 5.79 -28.25 20.68
CA PRO A 385 5.75 -29.35 19.68
C PRO A 385 6.95 -29.34 18.75
N ILE A 386 7.43 -28.15 18.35
CA ILE A 386 8.52 -28.06 17.39
C ILE A 386 9.76 -28.78 17.88
N ALA A 387 9.95 -28.83 19.21
CA ALA A 387 11.11 -29.53 19.76
C ALA A 387 11.13 -30.99 19.32
N ALA A 388 9.96 -31.64 19.29
CA ALA A 388 9.89 -33.03 18.87
C ALA A 388 10.42 -33.24 17.47
N MET A 389 10.38 -32.21 16.62
CA MET A 389 10.91 -32.29 15.27
C MET A 389 12.32 -31.72 15.15
N ARG A 390 12.75 -30.97 16.17
CA ARG A 390 13.90 -30.07 16.09
C ARG A 390 15.06 -30.67 15.32
N SER A 391 15.60 -31.78 15.82
CA SER A 391 16.82 -32.34 15.25
C SER A 391 16.68 -32.55 13.76
N GLU A 392 15.62 -33.23 13.33
CA GLU A 392 15.53 -33.56 11.91
C GLU A 392 15.44 -32.30 11.08
N ILE A 393 14.79 -31.25 11.59
CA ILE A 393 14.70 -29.99 10.87
C ILE A 393 16.10 -29.52 10.50
N LEU A 394 17.00 -29.52 11.49
CA LEU A 394 18.36 -29.07 11.23
C LEU A 394 18.99 -29.89 10.11
N THR A 395 18.78 -31.21 10.13
CA THR A 395 19.34 -32.05 9.08
C THR A 395 18.91 -31.57 7.71
N ALA A 396 17.63 -31.25 7.56
CA ALA A 396 17.14 -30.76 6.28
C ALA A 396 17.88 -29.48 5.90
N ILE A 397 18.00 -28.54 6.85
CA ILE A 397 18.69 -27.30 6.57
C ILE A 397 20.14 -27.58 6.21
N ASN A 398 20.73 -28.63 6.77
CA ASN A 398 22.11 -28.95 6.48
C ASN A 398 22.29 -29.78 5.22
N ASP A 399 21.19 -30.23 4.59
CA ASP A 399 21.30 -31.08 3.41
C ASP A 399 20.63 -30.50 2.16
N ASN A 400 19.73 -29.53 2.31
CA ASN A 400 19.04 -28.96 1.17
C ASN A 400 18.97 -27.44 1.34
N PRO A 401 19.34 -26.67 0.32
CA PRO A 401 19.28 -25.21 0.44
C PRO A 401 17.88 -24.69 0.70
N VAL A 402 16.85 -25.33 0.15
CA VAL A 402 15.47 -24.87 0.28
C VAL A 402 14.69 -25.90 1.08
N VAL A 403 14.09 -25.46 2.19
CA VAL A 403 13.30 -26.32 3.06
C VAL A 403 11.99 -25.61 3.35
N ILE A 404 10.87 -26.32 3.15
CA ILE A 404 9.55 -25.80 3.47
C ILE A 404 9.09 -26.48 4.76
N ILE A 405 8.54 -25.69 5.69
CA ILE A 405 8.04 -26.20 6.96
C ILE A 405 6.58 -25.81 7.09
N ARG A 406 5.73 -26.79 7.35
CA ARG A 406 4.30 -26.56 7.51
C ARG A 406 3.84 -27.13 8.85
N GLY A 407 3.09 -26.34 9.60
CA GLY A 407 2.58 -26.79 10.88
C GLY A 407 1.45 -25.90 11.36
N ASN A 408 0.72 -26.41 12.35
CA ASN A 408 -0.40 -25.66 12.88
C ASN A 408 0.08 -24.42 13.63
N THR A 409 -0.79 -23.42 13.70
CA THR A 409 -0.48 -22.20 14.44
C THR A 409 -0.30 -22.51 15.91
N GLY A 410 0.67 -21.83 16.53
CA GLY A 410 0.99 -22.07 17.92
C GLY A 410 1.95 -23.22 18.17
N CYS A 411 2.50 -23.82 17.12
CA CYS A 411 3.45 -24.91 17.30
C CYS A 411 4.88 -24.41 17.47
N GLY A 412 5.13 -23.13 17.31
CA GLY A 412 6.45 -22.57 17.60
C GLY A 412 7.44 -22.67 16.46
N LYS A 413 7.12 -22.09 15.32
CA LYS A 413 8.05 -22.11 14.18
C LYS A 413 8.95 -20.89 14.15
N THR A 414 8.35 -19.69 14.16
CA THR A 414 9.11 -18.46 13.94
C THR A 414 10.13 -18.23 15.05
N THR A 415 9.68 -18.29 16.31
CA THR A 415 10.55 -17.98 17.44
C THR A 415 11.50 -19.12 17.78
N GLN A 416 11.42 -20.25 17.09
CA GLN A 416 12.23 -21.41 17.43
C GLN A 416 13.19 -21.86 16.34
N ILE A 417 12.83 -21.73 15.06
CA ILE A 417 13.68 -22.27 14.00
C ILE A 417 14.99 -21.49 13.90
N ALA A 418 14.90 -20.16 13.91
CA ALA A 418 16.11 -19.34 13.85
C ALA A 418 16.99 -19.58 15.07
N GLN A 419 16.38 -19.70 16.24
CA GLN A 419 17.14 -19.98 17.45
C GLN A 419 17.82 -21.34 17.37
N TYR A 420 17.13 -22.34 16.82
CA TYR A 420 17.73 -23.66 16.65
C TYR A 420 18.96 -23.58 15.75
N ILE A 421 18.83 -22.89 14.61
CA ILE A 421 19.95 -22.79 13.67
C ILE A 421 21.12 -22.08 14.34
N LEU A 422 20.85 -20.95 14.99
CA LEU A 422 21.91 -20.16 15.60
C LEU A 422 22.61 -20.94 16.71
N ASP A 423 21.83 -21.63 17.55
CA ASP A 423 22.41 -22.39 18.65
C ASP A 423 23.23 -23.57 18.13
N ASP A 424 22.75 -24.23 17.07
CA ASP A 424 23.54 -25.30 16.47
C ASP A 424 24.86 -24.78 15.94
N TYR A 425 24.83 -23.64 15.23
CA TYR A 425 26.06 -23.08 14.70
C TYR A 425 27.02 -22.68 15.83
N ILE A 426 26.49 -22.10 16.90
CA ILE A 426 27.35 -21.68 18.01
C ILE A 426 27.97 -22.88 18.70
N CYS A 427 27.15 -23.89 19.02
CA CYS A 427 27.66 -25.05 19.75
C CYS A 427 28.60 -25.89 18.89
N SER A 428 28.43 -25.86 17.57
CA SER A 428 29.30 -26.63 16.68
C SER A 428 30.64 -25.94 16.43
N GLY A 429 30.99 -24.92 17.21
CA GLY A 429 32.25 -24.24 17.01
C GLY A 429 32.29 -23.35 15.79
N GLN A 430 31.13 -22.89 15.31
CA GLN A 430 31.05 -22.06 14.12
C GLN A 430 30.08 -20.91 14.34
N GLY A 431 30.13 -20.32 15.54
CA GLY A 431 29.18 -19.27 15.89
C GLY A 431 29.34 -17.99 15.11
N GLY A 432 30.53 -17.74 14.56
CA GLY A 432 30.77 -16.52 13.83
C GLY A 432 30.37 -16.57 12.36
N TYR A 433 29.99 -17.73 11.85
CA TYR A 433 29.65 -17.89 10.45
C TYR A 433 28.15 -17.90 10.19
N ALA A 434 27.34 -17.61 11.20
CA ALA A 434 25.89 -17.70 11.10
C ALA A 434 25.27 -16.32 11.03
N ASN A 435 24.44 -16.10 10.01
CA ASN A 435 23.66 -14.87 9.91
C ASN A 435 22.31 -15.24 9.31
N ILE A 436 21.25 -15.07 10.08
CA ILE A 436 19.94 -15.60 9.73
C ILE A 436 18.97 -14.41 9.61
N TYR A 437 18.67 -14.03 8.38
CA TYR A 437 17.60 -13.09 8.13
C TYR A 437 16.26 -13.77 8.35
N VAL A 438 15.28 -13.02 8.87
CA VAL A 438 13.91 -13.50 8.99
C VAL A 438 12.99 -12.41 8.47
N THR A 439 12.03 -12.80 7.63
CA THR A 439 11.12 -11.85 7.00
C THR A 439 9.69 -12.16 7.44
N GLN A 440 9.06 -11.18 8.12
CA GLN A 440 7.69 -11.09 8.60
C GLN A 440 6.86 -10.22 7.67
N PRO A 441 5.57 -10.52 7.51
CA PRO A 441 4.76 -9.74 6.55
C PRO A 441 4.35 -8.38 7.06
N ARG A 442 4.40 -8.13 8.38
CA ARG A 442 3.88 -6.90 8.94
C ARG A 442 4.86 -6.33 9.96
N ARG A 443 4.79 -5.01 10.16
CA ARG A 443 5.71 -4.34 11.07
C ARG A 443 5.50 -4.80 12.51
N ILE A 444 4.24 -4.79 12.96
CA ILE A 444 3.96 -5.13 14.35
C ILE A 444 4.31 -6.59 14.62
N SER A 445 4.10 -7.46 13.63
CA SER A 445 4.49 -8.86 13.78
C SER A 445 6.00 -8.99 13.95
N ALA A 446 6.77 -8.26 13.13
CA ALA A 446 8.22 -8.32 13.24
C ALA A 446 8.69 -7.80 14.59
N ILE A 447 8.11 -6.69 15.06
CA ILE A 447 8.52 -6.14 16.34
C ILE A 447 8.21 -7.10 17.47
N SER A 448 6.99 -7.66 17.47
CA SER A 448 6.59 -8.56 18.54
C SER A 448 7.43 -9.82 18.54
N VAL A 449 7.71 -10.40 17.37
CA VAL A 449 8.49 -11.62 17.31
C VAL A 449 9.93 -11.36 17.73
N ALA A 450 10.49 -10.21 17.31
CA ALA A 450 11.85 -9.87 17.74
C ALA A 450 11.93 -9.71 19.25
N GLU A 451 10.94 -9.04 19.85
CA GLU A 451 10.92 -8.89 21.30
C GLU A 451 10.77 -10.23 22.00
N ARG A 452 9.92 -11.11 21.47
CA ARG A 452 9.74 -12.42 22.08
C ARG A 452 11.02 -13.25 21.98
N VAL A 453 11.71 -13.19 20.85
CA VAL A 453 12.99 -13.90 20.71
C VAL A 453 14.01 -13.34 21.69
N ALA A 454 14.05 -12.02 21.84
CA ALA A 454 14.98 -11.41 22.79
C ALA A 454 14.69 -11.86 24.22
N ARG A 455 13.41 -11.94 24.58
CA ARG A 455 13.05 -12.39 25.93
C ARG A 455 13.36 -13.86 26.12
N GLU A 456 13.15 -14.69 25.07
CA GLU A 456 13.38 -16.12 25.20
C GLU A 456 14.85 -16.45 25.40
N ARG A 457 15.75 -15.64 24.84
CA ARG A 457 17.18 -15.81 25.10
C ARG A 457 17.61 -15.09 26.37
N CYS A 458 16.67 -14.45 27.07
CA CYS A 458 16.94 -13.80 28.36
C CYS A 458 18.05 -12.76 28.22
N GLU A 459 17.97 -11.94 27.17
CA GLU A 459 18.97 -10.94 26.86
C GLU A 459 18.28 -9.67 26.38
N GLN A 460 18.98 -8.54 26.49
CA GLN A 460 18.44 -7.28 26.02
C GLN A 460 18.46 -7.22 24.50
N LEU A 461 17.56 -6.42 23.95
CA LEU A 461 17.45 -6.30 22.50
C LEU A 461 18.70 -5.65 21.91
N GLY A 462 18.99 -5.98 20.66
CA GLY A 462 20.08 -5.38 19.93
C GLY A 462 21.42 -6.04 20.10
N ASP A 463 21.53 -7.09 20.93
CA ASP A 463 22.81 -7.75 21.09
C ASP A 463 22.91 -8.94 20.14
N THR A 464 22.00 -9.92 20.28
CA THR A 464 22.00 -11.09 19.42
C THR A 464 20.88 -11.03 18.38
N VAL A 465 19.67 -10.67 18.80
CA VAL A 465 18.53 -10.56 17.91
C VAL A 465 18.21 -9.08 17.72
N GLY A 466 18.03 -8.68 16.46
CA GLY A 466 17.67 -7.32 16.15
C GLY A 466 16.53 -7.29 15.14
N TYR A 467 15.96 -6.10 14.96
CA TYR A 467 14.87 -5.94 14.01
C TYR A 467 15.05 -4.65 13.23
N SER A 468 14.44 -4.61 12.05
CA SER A 468 14.60 -3.46 11.16
C SER A 468 13.33 -3.30 10.34
N VAL A 469 12.43 -2.43 10.81
CA VAL A 469 11.25 -2.05 10.06
C VAL A 469 11.32 -0.55 9.80
N ARG A 470 10.44 -0.08 8.92
CA ARG A 470 10.47 1.34 8.54
C ARG A 470 10.30 2.22 9.76
N PHE A 471 11.21 3.18 9.91
CA PHE A 471 11.26 4.15 11.01
C PHE A 471 11.57 3.53 12.36
N GLU A 472 12.06 2.28 12.40
CA GLU A 472 12.47 1.69 13.67
C GLU A 472 13.43 0.55 13.41
N SER A 473 14.70 0.73 13.76
CA SER A 473 15.71 -0.29 13.51
C SER A 473 16.67 -0.38 14.68
N VAL A 474 16.77 -1.57 15.26
CA VAL A 474 17.79 -1.89 16.25
C VAL A 474 18.62 -3.02 15.67
N PHE A 475 19.93 -2.81 15.56
CA PHE A 475 20.77 -3.75 14.84
C PHE A 475 21.64 -4.57 15.79
N PRO A 476 21.75 -5.87 15.54
CA PRO A 476 22.59 -6.72 16.39
C PRO A 476 24.04 -6.75 15.91
N ARG A 477 24.87 -7.58 16.56
CA ARG A 477 26.25 -7.70 16.15
C ARG A 477 26.35 -8.28 14.74
N PRO A 478 27.43 -7.97 14.01
CA PRO A 478 27.52 -8.43 12.61
C PRO A 478 27.60 -9.94 12.47
N TYR A 479 27.96 -10.68 13.53
CA TYR A 479 28.15 -12.12 13.43
C TYR A 479 27.28 -12.84 14.46
N GLY A 480 26.72 -13.98 14.06
CA GLY A 480 25.91 -14.78 14.94
C GLY A 480 24.64 -14.08 15.40
N ALA A 481 23.91 -13.48 14.48
CA ALA A 481 22.76 -12.65 14.82
C ALA A 481 21.55 -13.02 13.97
N ILE A 482 20.38 -12.74 14.52
CA ILE A 482 19.10 -12.98 13.87
C ILE A 482 18.41 -11.65 13.67
N LEU A 483 18.12 -11.29 12.42
CA LEU A 483 17.51 -10.02 12.09
C LEU A 483 16.09 -10.26 11.57
N PHE A 484 15.12 -9.63 12.21
CA PHE A 484 13.72 -9.68 11.78
C PHE A 484 13.40 -8.38 11.03
N CYS A 485 13.05 -8.51 9.76
CA CYS A 485 12.73 -7.35 8.94
C CYS A 485 11.57 -7.69 8.03
N THR A 486 10.72 -6.70 7.77
CA THR A 486 9.63 -6.90 6.83
C THR A 486 10.18 -7.10 5.43
N VAL A 487 9.36 -7.67 4.55
CA VAL A 487 9.82 -8.07 3.22
C VAL A 487 10.32 -6.86 2.44
N GLY A 488 9.63 -5.72 2.56
CA GLY A 488 10.08 -4.52 1.89
C GLY A 488 11.46 -4.05 2.35
N VAL A 489 11.74 -4.23 3.64
CA VAL A 489 13.04 -3.84 4.17
C VAL A 489 14.15 -4.68 3.55
N LEU A 490 13.92 -5.99 3.43
CA LEU A 490 14.91 -6.84 2.78
C LEU A 490 15.05 -6.50 1.30
N LEU A 491 13.94 -6.16 0.64
CA LEU A 491 14.01 -5.77 -0.76
C LEU A 491 14.84 -4.50 -0.93
N ARG A 492 14.72 -3.55 0.01
CA ARG A 492 15.56 -2.36 -0.04
C ARG A 492 17.00 -2.69 0.32
N LYS A 493 17.23 -3.67 1.19
CA LYS A 493 18.59 -4.06 1.54
C LYS A 493 19.29 -4.80 0.40
N LEU A 494 18.53 -5.40 -0.51
CA LEU A 494 19.13 -6.23 -1.56
C LEU A 494 20.03 -5.44 -2.50
N GLU A 495 19.96 -4.11 -2.51
CA GLU A 495 20.81 -3.33 -3.40
C GLU A 495 22.27 -3.49 -3.05
N ALA A 496 22.61 -3.59 -1.77
CA ALA A 496 23.99 -3.71 -1.32
C ALA A 496 24.50 -5.14 -1.34
N GLY A 497 23.67 -6.09 -1.72
CA GLY A 497 24.06 -7.49 -1.76
C GLY A 497 23.86 -8.19 -0.42
N LEU A 498 24.06 -9.51 -0.46
CA LEU A 498 23.87 -10.34 0.73
C LEU A 498 25.16 -11.03 1.12
N ARG A 499 26.27 -10.32 1.13
CA ARG A 499 27.53 -10.91 1.55
C ARG A 499 27.52 -11.13 3.06
N GLY A 500 27.77 -12.37 3.48
CA GLY A 500 27.90 -12.69 4.88
C GLY A 500 26.69 -13.33 5.53
N VAL A 501 25.63 -13.61 4.78
CA VAL A 501 24.45 -14.27 5.34
C VAL A 501 24.59 -15.77 5.16
N SER A 502 24.06 -16.52 6.12
CA SER A 502 24.08 -17.97 6.06
C SER A 502 22.70 -18.60 5.92
N HIS A 503 21.65 -17.94 6.40
CA HIS A 503 20.30 -18.46 6.28
C HIS A 503 19.33 -17.30 6.08
N ILE A 504 18.31 -17.54 5.25
CA ILE A 504 17.24 -16.58 5.05
C ILE A 504 15.91 -17.32 5.24
N ILE A 505 15.09 -16.80 6.13
CA ILE A 505 13.82 -17.42 6.51
C ILE A 505 12.70 -16.48 6.07
N VAL A 506 11.70 -17.02 5.39
CA VAL A 506 10.52 -16.28 4.98
C VAL A 506 9.33 -16.86 5.72
N ASP A 507 8.74 -16.08 6.61
CA ASP A 507 7.58 -16.52 7.36
C ASP A 507 6.30 -15.99 6.73
N GLU A 508 5.19 -16.67 7.00
CA GLU A 508 3.88 -16.30 6.44
C GLU A 508 3.96 -16.16 4.93
N ILE A 509 4.55 -17.16 4.28
CA ILE A 509 4.73 -17.12 2.83
C ILE A 509 3.38 -17.11 2.11
N HIS A 510 2.34 -17.66 2.75
CA HIS A 510 1.01 -17.74 2.15
C HIS A 510 0.37 -16.38 1.90
N GLU A 511 1.03 -15.28 2.25
CA GLU A 511 0.41 -13.97 2.09
C GLU A 511 0.13 -13.66 0.63
N ARG A 512 0.91 -14.21 -0.28
CA ARG A 512 0.70 -14.14 -1.73
C ARG A 512 0.81 -12.73 -2.29
N ASP A 513 1.26 -11.76 -1.48
CA ASP A 513 1.34 -10.39 -1.96
C ASP A 513 2.52 -10.22 -2.91
N VAL A 514 2.72 -8.97 -3.36
CA VAL A 514 3.74 -8.71 -4.38
C VAL A 514 5.14 -8.96 -3.83
N ASN A 515 5.41 -8.47 -2.62
CA ASN A 515 6.77 -8.56 -2.08
C ASN A 515 7.16 -10.01 -1.78
N SER A 516 6.21 -10.83 -1.33
CA SER A 516 6.53 -12.22 -1.02
C SER A 516 6.97 -12.96 -2.28
N ASP A 517 6.22 -12.81 -3.38
CA ASP A 517 6.61 -13.49 -4.62
C ASP A 517 7.90 -12.91 -5.18
N PHE A 518 8.08 -11.59 -5.06
CA PHE A 518 9.34 -10.97 -5.49
C PHE A 518 10.52 -11.59 -4.76
N LEU A 519 10.43 -11.67 -3.43
CA LEU A 519 11.49 -12.26 -2.64
C LEU A 519 11.65 -13.75 -2.95
N LEU A 520 10.56 -14.43 -3.28
CA LEU A 520 10.65 -15.84 -3.67
C LEU A 520 11.50 -16.01 -4.91
N VAL A 521 11.25 -15.21 -5.94
CA VAL A 521 12.02 -15.31 -7.17
C VAL A 521 13.49 -14.96 -6.90
N ILE A 522 13.71 -13.89 -6.13
CA ILE A 522 15.09 -13.48 -5.85
C ILE A 522 15.82 -14.55 -5.07
N LEU A 523 15.13 -15.23 -4.15
CA LEU A 523 15.75 -16.29 -3.37
C LEU A 523 15.99 -17.54 -4.20
N ARG A 524 15.11 -17.85 -5.16
CA ARG A 524 15.42 -18.94 -6.08
C ARG A 524 16.70 -18.64 -6.84
N ASP A 525 16.85 -17.40 -7.31
CA ASP A 525 18.08 -17.02 -7.98
C ASP A 525 19.29 -17.13 -7.05
N MET A 526 19.10 -16.71 -5.79
CA MET A 526 20.15 -16.87 -4.78
C MET A 526 20.61 -18.32 -4.69
N VAL A 527 19.66 -19.24 -4.51
CA VAL A 527 20.01 -20.65 -4.29
C VAL A 527 20.64 -21.23 -5.54
N ASP A 528 20.09 -20.91 -6.71
CA ASP A 528 20.64 -21.46 -7.95
C ASP A 528 22.07 -20.98 -8.19
N THR A 529 22.33 -19.70 -7.96
CA THR A 529 23.68 -19.19 -8.17
C THR A 529 24.63 -19.67 -7.08
N TYR A 530 24.20 -19.61 -5.82
CA TYR A 530 25.04 -19.96 -4.67
C TYR A 530 24.39 -21.08 -3.88
N PRO A 531 24.83 -22.33 -4.04
CA PRO A 531 24.18 -23.43 -3.29
C PRO A 531 24.46 -23.42 -1.80
N ASP A 532 25.45 -22.67 -1.34
CA ASP A 532 25.77 -22.67 0.08
C ASP A 532 24.70 -21.96 0.90
N LEU A 533 24.09 -20.91 0.36
CA LEU A 533 23.05 -20.19 1.08
C LEU A 533 21.84 -21.09 1.29
N HIS A 534 21.25 -21.02 2.48
CA HIS A 534 20.09 -21.82 2.86
C HIS A 534 18.87 -20.94 2.98
N VAL A 535 17.77 -21.37 2.39
CA VAL A 535 16.50 -20.64 2.41
C VAL A 535 15.44 -21.53 3.03
N ILE A 536 14.73 -21.01 4.02
CA ILE A 536 13.71 -21.76 4.75
C ILE A 536 12.39 -21.01 4.65
N LEU A 537 11.37 -21.68 4.13
CA LEU A 537 10.03 -21.11 4.02
C LEU A 537 9.16 -21.72 5.10
N MET A 538 8.58 -20.89 5.96
CA MET A 538 7.78 -21.36 7.09
C MET A 538 6.44 -20.65 7.11
N SER A 539 5.38 -21.42 7.26
CA SER A 539 4.03 -20.87 7.39
C SER A 539 3.13 -21.93 8.00
N ALA A 540 1.84 -21.59 8.11
CA ALA A 540 0.88 -22.48 8.76
C ALA A 540 -0.10 -23.12 7.79
N THR A 541 -0.46 -22.44 6.70
CA THR A 541 -1.47 -22.95 5.77
C THR A 541 -1.04 -22.59 4.36
N ILE A 542 -0.33 -23.52 3.70
CA ILE A 542 0.09 -23.36 2.31
C ILE A 542 -0.22 -24.64 1.55
N ASP A 543 -0.20 -24.52 0.22
CA ASP A 543 -0.23 -25.69 -0.66
C ASP A 543 1.19 -26.21 -0.75
N THR A 544 1.49 -27.28 0.00
CA THR A 544 2.85 -27.79 0.04
C THR A 544 3.32 -28.27 -1.32
N THR A 545 2.43 -28.91 -2.09
CA THR A 545 2.81 -29.39 -3.42
C THR A 545 3.18 -28.23 -4.33
N LYS A 546 2.41 -27.14 -4.28
CA LYS A 546 2.67 -26.01 -5.17
C LYS A 546 4.04 -25.40 -4.91
N PHE A 547 4.34 -25.07 -3.64
CA PHE A 547 5.62 -24.46 -3.32
C PHE A 547 6.78 -25.45 -3.43
N SER A 548 6.50 -26.75 -3.30
CA SER A 548 7.57 -27.73 -3.49
C SER A 548 7.93 -27.85 -4.97
N LYS A 549 6.92 -27.92 -5.85
CA LYS A 549 7.19 -27.93 -7.28
C LYS A 549 7.72 -26.59 -7.76
N TYR A 550 7.50 -25.51 -7.00
CA TYR A 550 8.06 -24.22 -7.34
C TYR A 550 9.59 -24.30 -7.41
N PHE A 551 10.21 -24.81 -6.35
CA PHE A 551 11.66 -24.81 -6.21
C PHE A 551 12.32 -26.03 -6.82
N GLY A 552 11.68 -26.66 -7.80
CA GLY A 552 12.24 -27.86 -8.40
C GLY A 552 12.29 -29.04 -7.46
N ILE A 553 11.21 -29.26 -6.69
CA ILE A 553 11.10 -30.33 -5.71
C ILE A 553 12.12 -30.09 -4.59
N CYS A 554 11.64 -29.63 -3.45
CA CYS A 554 12.45 -29.38 -2.27
C CYS A 554 11.78 -29.99 -1.05
N PRO A 555 12.55 -30.38 -0.04
CA PRO A 555 11.95 -31.07 1.11
C PRO A 555 10.91 -30.21 1.82
N VAL A 556 9.81 -30.86 2.21
CA VAL A 556 8.73 -30.25 2.96
C VAL A 556 8.50 -31.09 4.22
N LEU A 557 8.52 -30.43 5.37
CA LEU A 557 8.45 -31.11 6.66
C LEU A 557 7.20 -30.63 7.40
N GLU A 558 6.41 -31.58 7.88
CA GLU A 558 5.16 -31.29 8.58
C GLU A 558 5.39 -31.48 10.08
N VAL A 559 5.12 -30.43 10.84
CA VAL A 559 5.26 -30.46 12.30
C VAL A 559 3.91 -30.88 12.88
N PRO A 560 3.80 -32.02 13.54
CA PRO A 560 2.52 -32.48 14.06
C PRO A 560 2.20 -31.93 15.44
N GLY A 561 0.92 -31.70 15.66
CA GLY A 561 0.43 -31.27 16.97
C GLY A 561 0.36 -29.77 17.10
N ARG A 562 -0.57 -29.32 17.96
CA ARG A 562 -0.73 -27.92 18.28
C ARG A 562 -0.69 -27.75 19.79
N ALA A 563 -0.73 -26.50 20.24
CA ALA A 563 -0.53 -26.21 21.66
C ALA A 563 -1.74 -26.60 22.49
N PHE A 564 -2.87 -25.93 22.26
CA PHE A 564 -4.11 -26.27 22.95
C PHE A 564 -5.26 -26.20 21.96
N PRO A 565 -6.25 -27.08 22.10
CA PRO A 565 -7.42 -27.02 21.21
C PRO A 565 -8.30 -25.82 21.51
N VAL A 566 -9.04 -25.41 20.49
CA VAL A 566 -9.96 -24.28 20.59
C VAL A 566 -11.34 -24.75 20.12
N GLN A 567 -12.37 -24.05 20.55
CA GLN A 567 -13.75 -24.39 20.20
C GLN A 567 -14.28 -23.37 19.20
N GLN A 568 -14.77 -23.86 18.06
CA GLN A 568 -15.22 -23.00 16.97
C GLN A 568 -16.73 -23.00 16.88
N PHE A 569 -17.31 -21.82 16.70
CA PHE A 569 -18.74 -21.65 16.54
C PHE A 569 -19.02 -20.81 15.30
N PHE A 570 -20.22 -20.96 14.76
CA PHE A 570 -20.68 -20.21 13.60
C PHE A 570 -21.92 -19.41 13.97
N LEU A 571 -22.30 -18.48 13.08
CA LEU A 571 -23.31 -17.48 13.39
C LEU A 571 -24.58 -18.12 13.96
N GLU A 572 -25.07 -19.17 13.32
CA GLU A 572 -26.27 -19.83 13.81
C GLU A 572 -26.04 -20.47 15.18
N ASP A 573 -24.79 -20.88 15.45
CA ASP A 573 -24.49 -21.43 16.78
C ASP A 573 -24.68 -20.38 17.86
N ILE A 574 -24.14 -19.17 17.67
CA ILE A 574 -24.36 -18.12 18.66
C ILE A 574 -25.83 -17.74 18.71
N ILE A 575 -26.52 -17.75 17.57
CA ILE A 575 -27.94 -17.38 17.58
C ILE A 575 -28.74 -18.34 18.46
N GLN A 576 -28.50 -19.64 18.33
CA GLN A 576 -29.14 -20.59 19.25
C GLN A 576 -28.59 -20.46 20.67
N MET A 577 -27.34 -20.03 20.78
CA MET A 577 -26.54 -20.15 22.00
C MET A 577 -26.61 -18.91 22.88
N THR A 578 -27.32 -17.86 22.47
CA THR A 578 -27.66 -16.75 23.35
C THR A 578 -29.13 -16.35 23.25
N ASP A 579 -29.95 -17.10 22.52
CA ASP A 579 -31.36 -16.80 22.33
C ASP A 579 -31.56 -15.39 21.80
N PHE A 580 -30.71 -14.99 20.86
CA PHE A 580 -30.78 -13.66 20.28
C PHE A 580 -31.98 -13.56 19.34
N VAL A 581 -32.64 -12.40 19.37
CA VAL A 581 -33.75 -12.11 18.47
C VAL A 581 -33.48 -10.80 17.76
N PRO A 582 -33.53 -10.74 16.44
CA PRO A 582 -33.27 -9.48 15.74
C PRO A 582 -34.27 -8.39 16.12
N SER A 583 -33.71 -7.22 16.40
CA SER A 583 -34.55 -6.13 16.93
C SER A 583 -35.66 -5.74 15.97
N ALA A 584 -36.80 -5.34 16.53
CA ALA A 584 -37.88 -4.79 15.68
C ALA A 584 -37.30 -3.55 15.03
N GLU A 585 -36.41 -2.86 15.75
CA GLU A 585 -35.75 -1.66 15.19
C GLU A 585 -35.38 -1.96 13.74
N SER A 586 -34.40 -2.84 13.55
CA SER A 586 -33.95 -3.13 12.17
C SER A 586 -34.99 -4.01 11.48
N ARG A 587 -35.87 -4.66 12.24
CA ARG A 587 -36.83 -5.59 11.58
C ARG A 587 -37.52 -4.84 10.44
N ARG A 588 -37.95 -3.60 10.70
CA ARG A 588 -38.64 -2.79 9.67
C ARG A 588 -37.64 -1.80 9.08
N LYS A 589 -36.69 -1.32 9.88
CA LYS A 589 -35.64 -0.44 9.29
C LYS A 589 -35.13 -1.13 8.03
N ARG A 590 -35.11 -2.47 8.04
CA ARG A 590 -34.72 -3.25 6.84
C ARG A 590 -35.26 -2.55 5.59
N LYS A 591 -36.57 -2.29 5.56
CA LYS A 591 -37.16 -1.57 4.40
C LYS A 591 -37.70 -0.22 4.88
N ALA A 607 -30.77 -14.68 -9.08
CA ALA A 607 -30.93 -14.27 -7.69
C ALA A 607 -29.70 -14.72 -6.93
N GLU A 608 -29.01 -13.79 -6.27
CA GLU A 608 -27.81 -14.09 -5.51
C GLU A 608 -28.20 -14.96 -4.32
N ILE A 609 -27.45 -16.05 -4.13
CA ILE A 609 -27.74 -17.01 -3.07
C ILE A 609 -27.49 -16.37 -1.72
N ASN A 610 -28.49 -16.36 -0.86
CA ASN A 610 -28.37 -15.82 0.49
C ASN A 610 -28.24 -16.99 1.45
N TYR A 611 -27.01 -17.23 1.92
CA TYR A 611 -26.74 -18.39 2.76
C TYR A 611 -27.28 -18.24 4.17
N ASN A 612 -27.73 -17.05 4.55
CA ASN A 612 -28.22 -16.84 5.92
C ASN A 612 -29.56 -17.52 6.18
N LYS A 613 -30.23 -18.05 5.16
CA LYS A 613 -31.47 -18.79 5.34
C LYS A 613 -31.28 -20.28 5.06
N VAL A 614 -30.05 -20.76 4.95
CA VAL A 614 -29.76 -22.16 4.68
C VAL A 614 -29.02 -22.70 5.90
N CYS A 615 -29.64 -23.68 6.57
CA CYS A 615 -29.02 -24.30 7.74
C CYS A 615 -29.71 -25.64 8.00
N GLU A 616 -29.04 -26.46 8.80
CA GLU A 616 -29.56 -27.79 9.14
C GLU A 616 -30.79 -27.68 10.02
N ASP A 617 -31.75 -28.57 9.79
CA ASP A 617 -33.01 -28.58 10.54
C ASP A 617 -32.87 -29.06 11.97
N LYS A 618 -31.65 -29.38 12.43
CA LYS A 618 -31.46 -29.81 13.81
C LYS A 618 -31.81 -28.70 14.79
N TYR A 619 -31.64 -27.45 14.38
CA TYR A 619 -31.82 -26.30 15.25
C TYR A 619 -33.28 -25.88 15.32
N SER A 620 -33.61 -25.09 16.33
CA SER A 620 -34.99 -24.73 16.62
C SER A 620 -35.54 -23.78 15.56
N GLN A 621 -36.87 -23.65 15.57
CA GLN A 621 -37.54 -22.77 14.60
C GLN A 621 -37.14 -21.31 14.80
N LYS A 622 -37.25 -20.82 16.04
CA LYS A 622 -36.96 -19.42 16.31
C LYS A 622 -35.50 -19.10 15.98
N THR A 623 -34.59 -20.03 16.25
CA THR A 623 -33.20 -19.84 15.86
C THR A 623 -33.08 -19.71 14.35
N ARG A 624 -33.81 -20.53 13.60
CA ARG A 624 -33.76 -20.44 12.14
C ARG A 624 -34.30 -19.10 11.65
N ASN A 625 -35.40 -18.62 12.22
CA ASN A 625 -35.93 -17.33 11.82
C ASN A 625 -34.95 -16.21 12.13
N ALA A 626 -34.34 -16.25 13.32
CA ALA A 626 -33.37 -15.23 13.68
C ALA A 626 -32.16 -15.25 12.76
N MET A 627 -31.72 -16.45 12.38
CA MET A 627 -30.58 -16.56 11.46
C MET A 627 -30.95 -16.07 10.06
N ALA A 628 -32.21 -16.28 9.66
CA ALA A 628 -32.63 -15.88 8.32
C ALA A 628 -32.86 -14.38 8.21
N MET A 629 -33.35 -13.74 9.29
CA MET A 629 -33.64 -12.31 9.21
C MET A 629 -32.38 -11.48 9.03
N LEU A 630 -31.27 -11.92 9.62
CA LEU A 630 -30.03 -11.19 9.52
C LEU A 630 -29.49 -11.22 8.08
N SER A 631 -28.97 -10.08 7.64
CA SER A 631 -28.37 -9.97 6.32
C SER A 631 -26.91 -10.43 6.38
N GLU A 632 -26.26 -10.45 5.21
CA GLU A 632 -24.89 -10.92 5.11
C GLU A 632 -23.88 -9.77 5.04
N SER A 633 -24.09 -8.82 4.11
CA SER A 633 -23.09 -7.78 3.89
C SER A 633 -22.94 -6.88 5.11
N ASP A 634 -24.04 -6.55 5.79
CA ASP A 634 -24.00 -5.67 6.94
C ASP A 634 -23.74 -6.45 8.22
N VAL A 635 -23.26 -5.74 9.25
CA VAL A 635 -23.09 -6.35 10.56
C VAL A 635 -24.15 -5.80 11.52
N SER A 636 -24.35 -6.53 12.61
CA SER A 636 -25.35 -6.16 13.61
C SER A 636 -24.65 -5.82 14.91
N PHE A 637 -24.92 -4.61 15.43
CA PHE A 637 -24.36 -4.23 16.72
C PHE A 637 -25.12 -4.87 17.88
N GLU A 638 -26.42 -5.13 17.72
CA GLU A 638 -27.16 -5.84 18.75
C GLU A 638 -26.60 -7.24 18.94
N LEU A 639 -26.28 -7.92 17.84
CA LEU A 639 -25.68 -9.25 17.91
C LEU A 639 -24.37 -9.21 18.67
N LEU A 640 -23.50 -8.25 18.35
CA LEU A 640 -22.21 -8.16 19.03
C LEU A 640 -22.38 -7.84 20.50
N GLU A 641 -23.30 -6.94 20.84
CA GLU A 641 -23.52 -6.60 22.24
C GLU A 641 -24.03 -7.81 23.02
N ALA A 642 -24.99 -8.55 22.44
CA ALA A 642 -25.50 -9.73 23.14
C ALA A 642 -24.41 -10.79 23.29
N LEU A 643 -23.59 -10.99 22.26
CA LEU A 643 -22.53 -11.99 22.32
C LEU A 643 -21.51 -11.63 23.39
N LEU A 644 -21.11 -10.35 23.44
CA LEU A 644 -20.16 -9.91 24.46
C LEU A 644 -20.77 -10.01 25.86
N MET A 645 -22.06 -9.68 25.99
CA MET A 645 -22.71 -9.81 27.28
C MET A 645 -22.75 -11.25 27.75
N HIS A 646 -23.01 -12.18 26.83
CA HIS A 646 -23.05 -13.58 27.23
C HIS A 646 -21.65 -14.09 27.58
N ILE A 647 -20.63 -13.63 26.85
CA ILE A 647 -19.26 -13.98 27.21
C ILE A 647 -18.94 -13.48 28.62
N LYS A 648 -19.37 -12.26 28.93
CA LYS A 648 -19.24 -11.75 30.30
C LYS A 648 -19.94 -12.66 31.28
N SER A 649 -21.14 -13.13 30.93
CA SER A 649 -21.88 -14.05 31.81
C SER A 649 -21.13 -15.37 31.97
N LYS A 650 -20.31 -15.75 31.00
CA LYS A 650 -19.53 -16.99 31.12
C LYS A 650 -18.53 -16.91 32.26
N ASN A 651 -18.14 -15.69 32.66
CA ASN A 651 -17.20 -15.49 33.76
C ASN A 651 -15.87 -16.19 33.52
N ILE A 652 -15.36 -16.08 32.30
CA ILE A 652 -14.07 -16.64 31.92
C ILE A 652 -13.11 -15.48 31.68
N PRO A 653 -12.06 -15.33 32.50
CA PRO A 653 -11.12 -14.22 32.30
C PRO A 653 -10.34 -14.39 31.01
N GLY A 654 -9.97 -13.27 30.42
CA GLY A 654 -9.19 -13.24 29.20
C GLY A 654 -9.66 -12.14 28.26
N ALA A 655 -8.76 -11.71 27.38
CA ALA A 655 -9.07 -10.65 26.45
C ALA A 655 -10.00 -11.15 25.35
N ILE A 656 -10.72 -10.20 24.74
CA ILE A 656 -11.61 -10.46 23.63
C ILE A 656 -11.05 -9.76 22.41
N LEU A 657 -11.01 -10.45 21.28
CA LEU A 657 -10.47 -9.91 20.04
C LEU A 657 -11.56 -9.93 18.98
N VAL A 658 -11.81 -8.78 18.35
CA VAL A 658 -12.83 -8.65 17.33
C VAL A 658 -12.16 -8.17 16.06
N PHE A 659 -12.22 -9.00 15.01
CA PHE A 659 -11.63 -8.66 13.72
C PHE A 659 -12.68 -7.96 12.85
N LEU A 660 -12.36 -6.75 12.42
CA LEU A 660 -13.27 -5.90 11.66
C LEU A 660 -12.63 -5.53 10.32
N PRO A 661 -13.43 -5.15 9.33
CA PRO A 661 -12.86 -4.80 8.03
C PRO A 661 -11.96 -3.57 8.05
N GLY A 662 -12.45 -2.45 8.58
CA GLY A 662 -11.70 -1.22 8.47
C GLY A 662 -11.88 -0.20 9.57
N TRP A 663 -11.36 1.01 9.34
CA TRP A 663 -11.38 2.05 10.35
C TRP A 663 -12.79 2.49 10.69
N ASN A 664 -13.64 2.67 9.67
CA ASN A 664 -14.99 3.18 9.90
C ASN A 664 -15.77 2.27 10.84
N LEU A 665 -15.81 0.98 10.54
CA LEU A 665 -16.55 0.06 11.39
C LEU A 665 -15.92 -0.07 12.77
N ILE A 666 -14.59 -0.03 12.84
CA ILE A 666 -13.91 -0.15 14.13
C ILE A 666 -14.33 0.99 15.05
N PHE A 667 -14.25 2.23 14.56
CA PHE A 667 -14.59 3.35 15.43
C PHE A 667 -16.10 3.49 15.65
N ALA A 668 -16.91 3.06 14.68
CA ALA A 668 -18.35 3.02 14.92
C ALA A 668 -18.69 2.03 16.04
N LEU A 669 -18.05 0.87 16.02
CA LEU A 669 -18.25 -0.10 17.10
C LEU A 669 -17.74 0.44 18.43
N MET A 670 -16.61 1.14 18.41
CA MET A 670 -16.10 1.74 19.64
C MET A 670 -17.10 2.74 20.22
N LYS A 671 -17.66 3.59 19.36
CA LYS A 671 -18.64 4.57 19.83
C LYS A 671 -19.89 3.89 20.34
N PHE A 672 -20.36 2.85 19.64
CA PHE A 672 -21.56 2.14 20.08
C PHE A 672 -21.35 1.46 21.43
N LEU A 673 -20.19 0.81 21.61
CA LEU A 673 -19.93 0.10 22.86
C LEU A 673 -19.66 1.06 24.01
N GLN A 674 -19.06 2.22 23.73
CA GLN A 674 -18.78 3.18 24.79
C GLN A 674 -20.06 3.73 25.39
N ASN A 675 -21.12 3.84 24.60
CA ASN A 675 -22.39 4.36 25.10
C ASN A 675 -23.12 3.38 26.00
N THR A 676 -22.80 2.09 25.92
CA THR A 676 -23.44 1.11 26.77
C THR A 676 -23.03 1.31 28.23
N ASN A 677 -23.95 0.97 29.13
CA ASN A 677 -23.70 1.18 30.55
C ASN A 677 -22.58 0.29 31.07
N ILE A 678 -22.51 -0.96 30.61
CA ILE A 678 -21.54 -1.89 31.19
C ILE A 678 -20.16 -1.70 30.57
N PHE A 679 -20.07 -1.69 29.24
CA PHE A 679 -18.79 -1.58 28.58
C PHE A 679 -18.20 -0.18 28.65
N GLY A 680 -18.96 0.81 29.10
CA GLY A 680 -18.42 2.14 29.29
C GLY A 680 -17.61 2.33 30.54
N ASP A 681 -17.64 1.36 31.46
CA ASP A 681 -16.85 1.42 32.68
C ASP A 681 -15.41 1.02 32.36
N THR A 682 -14.50 1.99 32.40
CA THR A 682 -13.10 1.70 32.12
C THR A 682 -12.48 0.76 33.14
N SER A 683 -13.06 0.66 34.34
CA SER A 683 -12.57 -0.29 35.33
C SER A 683 -12.93 -1.72 35.00
N GLN A 684 -13.94 -1.94 34.14
CA GLN A 684 -14.39 -3.27 33.78
C GLN A 684 -13.92 -3.70 32.38
N TYR A 685 -14.05 -2.82 31.40
CA TYR A 685 -13.66 -3.13 30.02
C TYR A 685 -12.84 -1.98 29.45
N GLN A 686 -11.77 -2.33 28.75
CA GLN A 686 -10.93 -1.35 28.08
C GLN A 686 -10.83 -1.72 26.60
N ILE A 687 -11.19 -0.77 25.74
CA ILE A 687 -11.30 -1.02 24.31
C ILE A 687 -10.10 -0.39 23.61
N LEU A 688 -9.40 -1.18 22.81
CA LEU A 688 -8.19 -0.73 22.10
C LEU A 688 -8.35 -1.03 20.62
N PRO A 689 -8.27 -0.03 19.75
CA PRO A 689 -8.21 -0.32 18.31
C PRO A 689 -6.82 -0.77 17.90
N CYS A 690 -6.74 -1.38 16.73
CA CYS A 690 -5.46 -1.86 16.19
C CYS A 690 -5.46 -1.60 14.69
N HIS A 691 -4.90 -0.45 14.30
CA HIS A 691 -4.85 -0.04 12.91
C HIS A 691 -3.45 0.49 12.62
N SER A 692 -2.99 0.28 11.37
CA SER A 692 -1.65 0.70 11.01
C SER A 692 -1.48 2.22 11.08
N GLN A 693 -2.52 2.98 10.78
CA GLN A 693 -2.45 4.43 10.77
C GLN A 693 -2.84 5.04 12.11
N ILE A 694 -3.04 4.22 13.13
CA ILE A 694 -3.27 4.70 14.49
C ILE A 694 -1.90 5.08 15.05
N PRO A 695 -1.80 5.94 16.05
CA PRO A 695 -0.48 6.25 16.62
C PRO A 695 0.22 5.00 17.13
N ARG A 696 1.55 5.01 16.99
CA ARG A 696 2.35 3.84 17.36
C ARG A 696 2.18 3.47 18.82
N ASP A 697 1.90 4.46 19.68
CA ASP A 697 1.66 4.17 21.09
C ASP A 697 0.44 3.26 21.27
N GLU A 698 -0.64 3.54 20.53
CA GLU A 698 -1.81 2.68 20.60
C GLU A 698 -1.52 1.29 20.03
N GLN A 699 -0.68 1.20 19.00
CA GLN A 699 -0.31 -0.10 18.47
C GLN A 699 0.46 -0.92 19.50
N ARG A 700 1.37 -0.28 20.23
CA ARG A 700 2.10 -0.99 21.28
C ARG A 700 1.26 -1.22 22.52
N LYS A 701 0.16 -0.48 22.68
CA LYS A 701 -0.73 -0.69 23.82
C LYS A 701 -1.44 -2.04 23.76
N VAL A 702 -1.41 -2.72 22.62
CA VAL A 702 -2.11 -4.00 22.49
C VAL A 702 -1.31 -5.15 23.10
N PHE A 703 -0.04 -4.94 23.44
CA PHE A 703 0.77 -5.98 24.07
C PHE A 703 0.89 -5.79 25.58
N GLU A 704 0.85 -4.54 26.04
CA GLU A 704 1.06 -4.27 27.46
C GLU A 704 -0.05 -4.92 28.29
N PRO A 705 0.26 -5.42 29.49
CA PRO A 705 -0.76 -6.05 30.33
C PRO A 705 -1.72 -5.00 30.89
N VAL A 706 -2.91 -5.48 31.23
CA VAL A 706 -3.98 -4.63 31.73
C VAL A 706 -4.13 -4.91 33.22
N PRO A 707 -4.63 -3.95 33.99
CA PRO A 707 -4.81 -4.16 35.43
C PRO A 707 -5.80 -5.28 35.73
N GLU A 708 -5.81 -5.70 36.98
CA GLU A 708 -6.72 -6.74 37.42
C GLU A 708 -8.16 -6.23 37.40
N GLY A 709 -9.07 -7.10 36.94
CA GLY A 709 -10.48 -6.78 36.92
C GLY A 709 -10.97 -6.09 35.68
N VAL A 710 -10.12 -5.85 34.69
CA VAL A 710 -10.51 -5.21 33.44
C VAL A 710 -10.22 -6.19 32.29
N THR A 711 -11.13 -6.22 31.32
CA THR A 711 -11.02 -7.09 30.16
C THR A 711 -10.69 -6.24 28.94
N LYS A 712 -9.70 -6.68 28.17
CA LYS A 712 -9.20 -5.93 27.03
C LYS A 712 -9.92 -6.38 25.77
N ILE A 713 -10.70 -5.49 25.16
CA ILE A 713 -11.38 -5.76 23.91
C ILE A 713 -10.61 -5.06 22.81
N ILE A 714 -10.02 -5.84 21.90
CA ILE A 714 -9.15 -5.32 20.85
C ILE A 714 -9.89 -5.41 19.54
N LEU A 715 -10.18 -4.25 18.94
CA LEU A 715 -10.85 -4.18 17.65
C LEU A 715 -9.80 -3.97 16.57
N SER A 716 -9.60 -4.98 15.73
CA SER A 716 -8.46 -4.98 14.82
C SER A 716 -8.90 -5.28 13.39
N THR A 717 -8.13 -4.74 12.44
CA THR A 717 -8.19 -5.15 11.06
C THR A 717 -7.25 -6.34 10.87
N ASN A 718 -6.94 -6.66 9.61
CA ASN A 718 -6.08 -7.81 9.34
C ASN A 718 -4.61 -7.57 9.72
N ILE A 719 -4.26 -6.45 10.36
CA ILE A 719 -2.89 -6.27 10.85
C ILE A 719 -2.58 -7.26 11.96
N ALA A 720 -3.58 -7.57 12.79
CA ALA A 720 -3.45 -8.54 13.86
C ALA A 720 -3.74 -9.96 13.42
N GLU A 721 -3.60 -10.26 12.13
CA GLU A 721 -3.99 -11.56 11.60
C GLU A 721 -2.89 -12.60 11.74
N THR A 722 -1.65 -12.24 11.39
CA THR A 722 -0.59 -13.21 11.21
C THR A 722 0.53 -13.01 12.22
N SER A 723 0.94 -14.09 12.87
CA SER A 723 2.24 -14.23 13.53
C SER A 723 2.37 -13.43 14.82
N ILE A 724 1.40 -12.60 15.16
CA ILE A 724 1.46 -11.89 16.42
C ILE A 724 0.81 -12.76 17.49
N THR A 725 1.11 -12.46 18.75
CA THR A 725 0.60 -13.24 19.87
C THR A 725 0.43 -12.33 21.08
N ILE A 726 -0.75 -12.37 21.68
CA ILE A 726 -1.06 -11.62 22.89
C ILE A 726 -1.42 -12.63 23.98
N ASP A 727 -0.85 -12.44 25.17
CA ASP A 727 -0.91 -13.46 26.21
C ASP A 727 -2.34 -13.74 26.66
N ASP A 728 -3.16 -12.70 26.82
CA ASP A 728 -4.48 -12.85 27.45
C ASP A 728 -5.60 -13.02 26.43
N ILE A 729 -5.28 -13.28 25.17
CA ILE A 729 -6.31 -13.51 24.16
C ILE A 729 -6.92 -14.87 24.40
N VAL A 730 -8.23 -14.90 24.67
CA VAL A 730 -8.93 -16.15 24.88
C VAL A 730 -10.09 -16.28 23.89
N PHE A 731 -10.67 -15.15 23.50
CA PHE A 731 -11.83 -15.14 22.62
C PHE A 731 -11.50 -14.37 21.35
N VAL A 732 -11.78 -14.99 20.20
CA VAL A 732 -11.62 -14.32 18.91
C VAL A 732 -12.98 -14.28 18.23
N ILE A 733 -13.49 -13.07 18.01
CA ILE A 733 -14.75 -12.85 17.31
C ILE A 733 -14.43 -12.37 15.91
N ASP A 734 -14.75 -13.17 14.91
CA ASP A 734 -14.40 -12.89 13.53
C ASP A 734 -15.65 -12.42 12.78
N ILE A 735 -15.60 -11.20 12.26
CA ILE A 735 -16.71 -10.69 11.46
C ILE A 735 -16.62 -11.21 10.03
N CYS A 736 -15.46 -11.72 9.62
CA CYS A 736 -15.23 -12.43 8.37
C CYS A 736 -15.15 -11.52 7.15
N LYS A 737 -14.81 -10.25 7.33
CA LYS A 737 -14.69 -9.31 6.21
C LYS A 737 -13.29 -8.74 6.15
N ALA A 738 -12.76 -8.59 4.93
CA ALA A 738 -11.46 -7.99 4.71
C ALA A 738 -11.56 -6.97 3.59
N ARG A 739 -10.86 -5.86 3.74
CA ARG A 739 -10.89 -4.78 2.77
C ARG A 739 -9.68 -4.87 1.86
N MET A 740 -9.91 -4.71 0.55
CA MET A 740 -8.82 -4.62 -0.39
C MET A 740 -9.05 -3.44 -1.34
N LYS A 741 -7.98 -3.07 -2.04
CA LYS A 741 -7.95 -1.89 -2.90
C LYS A 741 -8.06 -2.35 -4.35
N LEU A 742 -9.21 -2.12 -4.95
CA LEU A 742 -9.42 -2.47 -6.35
C LEU A 742 -9.01 -1.30 -7.24
N PHE A 743 -8.15 -1.58 -8.21
CA PHE A 743 -7.62 -0.59 -9.14
C PHE A 743 -8.00 -0.99 -10.56
N THR A 744 -8.86 -0.20 -11.20
CA THR A 744 -9.21 -0.40 -12.60
C THR A 744 -8.28 0.46 -13.44
N SER A 745 -7.41 -0.19 -14.21
CA SER A 745 -6.34 0.53 -14.90
C SER A 745 -6.81 1.26 -16.13
N HIS A 746 -7.81 0.72 -16.84
CA HIS A 746 -8.22 1.32 -18.11
C HIS A 746 -8.82 2.71 -17.93
N ASN A 747 -9.61 2.91 -16.87
CA ASN A 747 -10.13 4.23 -16.55
C ASN A 747 -9.38 4.91 -15.42
N ASN A 748 -8.38 4.25 -14.84
CA ASN A 748 -7.58 4.78 -13.74
C ASN A 748 -8.52 5.17 -12.59
N LEU A 749 -9.14 4.14 -12.01
CA LEU A 749 -10.08 4.30 -10.91
C LEU A 749 -9.63 3.47 -9.73
N THR A 750 -9.85 3.96 -8.52
CA THR A 750 -9.53 3.24 -7.31
C THR A 750 -10.76 3.13 -6.43
N SER A 751 -10.83 2.03 -5.67
CA SER A 751 -11.95 1.84 -4.75
C SER A 751 -11.52 0.89 -3.66
N TYR A 752 -12.29 0.88 -2.57
CA TYR A 752 -12.06 -0.02 -1.45
C TYR A 752 -13.25 -0.95 -1.31
N ALA A 753 -12.98 -2.25 -1.31
CA ALA A 753 -14.03 -3.26 -1.30
C ALA A 753 -13.92 -4.11 -0.04
N THR A 754 -15.05 -4.28 0.65
CA THR A 754 -15.15 -5.13 1.83
C THR A 754 -15.69 -6.48 1.38
N VAL A 755 -14.79 -7.44 1.21
CA VAL A 755 -15.13 -8.74 0.63
C VAL A 755 -14.94 -9.82 1.69
N TRP A 756 -15.67 -10.92 1.51
CA TRP A 756 -15.59 -12.05 2.43
C TRP A 756 -14.16 -12.58 2.49
N ALA A 757 -13.68 -12.81 3.71
CA ALA A 757 -12.34 -13.36 3.89
C ALA A 757 -12.29 -14.83 3.48
N SER A 758 -11.11 -15.27 3.07
CA SER A 758 -10.94 -16.65 2.63
C SER A 758 -10.86 -17.59 3.83
N LYS A 759 -10.77 -18.88 3.53
CA LYS A 759 -10.63 -19.87 4.60
C LYS A 759 -9.28 -19.77 5.28
N THR A 760 -8.23 -19.40 4.54
CA THR A 760 -6.92 -19.23 5.15
C THR A 760 -6.92 -18.10 6.18
N ASN A 761 -7.55 -16.98 5.83
CA ASN A 761 -7.65 -15.87 6.77
C ASN A 761 -8.44 -16.27 8.01
N LEU A 762 -9.53 -17.01 7.83
CA LEU A 762 -10.30 -17.46 8.97
C LEU A 762 -9.50 -18.42 9.85
N GLU A 763 -8.75 -19.33 9.24
CA GLU A 763 -7.95 -20.26 10.02
C GLU A 763 -6.85 -19.54 10.79
N GLN A 764 -6.25 -18.51 10.19
CA GLN A 764 -5.23 -17.76 10.92
C GLN A 764 -5.84 -16.93 12.05
N ARG A 765 -6.99 -16.29 11.81
CA ARG A 765 -7.65 -15.58 12.89
C ARG A 765 -8.07 -16.52 14.01
N LYS A 766 -8.46 -17.74 13.67
CA LYS A 766 -8.69 -18.78 14.68
C LYS A 766 -7.42 -19.11 15.43
N GLY A 767 -6.29 -19.20 14.71
CA GLY A 767 -5.03 -19.52 15.34
C GLY A 767 -4.49 -18.43 16.23
N ARG A 768 -4.94 -17.19 16.04
CA ARG A 768 -4.53 -16.11 16.95
C ARG A 768 -4.95 -16.38 18.39
N ALA A 769 -5.94 -17.24 18.60
CA ALA A 769 -6.33 -17.68 19.94
C ALA A 769 -5.81 -19.07 20.23
N GLY A 770 -5.90 -19.47 21.49
CA GLY A 770 -5.47 -20.79 21.89
C GLY A 770 -3.98 -21.05 21.74
N ARG A 771 -3.15 -20.10 22.16
CA ARG A 771 -1.71 -20.25 22.13
CA ARG A 771 -1.71 -20.25 22.13
C ARG A 771 -1.10 -20.52 23.49
N VAL A 772 -1.72 -20.03 24.56
CA VAL A 772 -1.27 -20.30 25.91
C VAL A 772 -2.34 -20.97 26.76
N ARG A 773 -3.61 -20.88 26.37
CA ARG A 773 -4.70 -21.53 27.08
C ARG A 773 -5.84 -21.75 26.11
N PRO A 774 -6.67 -22.78 26.33
CA PRO A 774 -7.82 -22.99 25.43
C PRO A 774 -8.80 -21.84 25.51
N GLY A 775 -9.44 -21.55 24.39
CA GLY A 775 -10.36 -20.43 24.29
C GLY A 775 -11.50 -20.72 23.35
N PHE A 776 -12.04 -19.65 22.76
CA PHE A 776 -13.19 -19.74 21.87
C PHE A 776 -12.95 -18.90 20.62
N CYS A 777 -13.51 -19.36 19.50
CA CYS A 777 -13.43 -18.67 18.22
C CYS A 777 -14.84 -18.55 17.66
N PHE A 778 -15.51 -17.43 17.94
CA PHE A 778 -16.84 -17.16 17.43
C PHE A 778 -16.72 -16.56 16.04
N THR A 779 -17.05 -17.35 15.02
CA THR A 779 -17.03 -16.88 13.64
C THR A 779 -18.45 -16.52 13.22
N LEU A 780 -18.61 -15.34 12.60
CA LEU A 780 -19.94 -14.81 12.30
C LEU A 780 -20.24 -15.02 10.81
N CYS A 781 -20.73 -16.22 10.50
CA CYS A 781 -21.26 -16.56 9.19
C CYS A 781 -21.92 -17.92 9.30
N SER A 782 -22.88 -18.17 8.40
CA SER A 782 -23.54 -19.46 8.38
C SER A 782 -22.56 -20.56 7.98
N ARG A 783 -22.84 -21.78 8.44
CA ARG A 783 -21.99 -22.90 8.08
C ARG A 783 -21.95 -23.10 6.56
N ALA A 784 -23.07 -22.88 5.89
CA ALA A 784 -23.08 -22.92 4.43
C ALA A 784 -22.19 -21.83 3.85
N ARG A 785 -22.24 -20.63 4.44
CA ARG A 785 -21.36 -19.55 3.98
C ARG A 785 -19.89 -19.91 4.23
N PHE A 786 -19.59 -20.52 5.38
CA PHE A 786 -18.23 -20.95 5.65
C PHE A 786 -17.76 -21.97 4.63
N GLN A 787 -18.62 -22.91 4.26
CA GLN A 787 -18.26 -23.87 3.22
C GLN A 787 -18.16 -23.21 1.85
N ALA A 788 -18.81 -22.08 1.66
CA ALA A 788 -18.83 -21.40 0.37
C ALA A 788 -17.71 -20.39 0.20
N LEU A 789 -16.90 -20.16 1.22
CA LEU A 789 -15.81 -19.18 1.11
C LEU A 789 -14.70 -19.71 0.23
N GLU A 790 -14.05 -18.80 -0.49
CA GLU A 790 -12.94 -19.16 -1.36
C GLU A 790 -11.76 -19.65 -0.54
N ASP A 791 -10.93 -20.49 -1.16
CA ASP A 791 -9.78 -21.05 -0.45
C ASP A 791 -8.80 -19.96 -0.04
N ASN A 792 -8.38 -19.14 -0.99
CA ASN A 792 -7.46 -18.04 -0.72
C ASN A 792 -7.85 -16.84 -1.55
N LEU A 793 -7.52 -15.65 -1.04
CA LEU A 793 -7.75 -14.43 -1.81
C LEU A 793 -6.82 -14.36 -3.01
N THR A 794 -7.21 -13.58 -3.99
CA THR A 794 -6.39 -13.41 -5.18
C THR A 794 -5.08 -12.72 -4.81
N PRO A 795 -3.95 -13.12 -5.40
CA PRO A 795 -2.68 -12.49 -5.06
C PRO A 795 -2.62 -11.04 -5.52
N GLU A 796 -1.81 -10.26 -4.81
CA GLU A 796 -1.69 -8.83 -5.11
C GLU A 796 -1.15 -8.59 -6.51
N MET A 797 -0.26 -9.47 -6.99
CA MET A 797 0.34 -9.27 -8.31
C MET A 797 -0.69 -9.16 -9.41
N PHE A 798 -1.87 -9.77 -9.22
CA PHE A 798 -2.90 -9.75 -10.24
C PHE A 798 -3.79 -8.51 -10.18
N ARG A 799 -3.70 -7.71 -9.11
CA ARG A 799 -4.58 -6.57 -8.96
C ARG A 799 -3.83 -5.35 -8.43
N THR A 800 -2.59 -5.17 -8.86
CA THR A 800 -1.81 -4.02 -8.41
C THR A 800 -0.94 -3.51 -9.56
N PRO A 801 -0.63 -2.22 -9.57
CA PRO A 801 0.33 -1.71 -10.56
C PRO A 801 1.73 -2.23 -10.27
N LEU A 802 2.54 -2.29 -11.34
CA LEU A 802 3.86 -2.90 -11.26
C LEU A 802 4.99 -1.96 -11.65
N HIS A 803 4.73 -0.65 -11.79
CA HIS A 803 5.80 0.25 -12.21
C HIS A 803 6.89 0.34 -11.16
N GLU A 804 6.52 0.48 -9.88
CA GLU A 804 7.52 0.53 -8.82
C GLU A 804 8.34 -0.75 -8.77
N MET A 805 7.68 -1.90 -8.88
CA MET A 805 8.38 -3.17 -8.73
C MET A 805 9.23 -3.48 -9.96
N ALA A 806 8.77 -3.09 -11.15
CA ALA A 806 9.62 -3.23 -12.33
C ALA A 806 10.84 -2.32 -12.23
N LEU A 807 10.66 -1.10 -11.69
CA LEU A 807 11.80 -0.22 -11.47
C LEU A 807 12.78 -0.84 -10.48
N THR A 808 12.25 -1.49 -9.43
CA THR A 808 13.11 -2.21 -8.49
C THR A 808 13.84 -3.36 -9.17
N ILE A 809 13.16 -4.07 -10.08
CA ILE A 809 13.81 -5.13 -10.86
C ILE A 809 15.01 -4.56 -11.59
N LYS A 810 14.82 -3.42 -12.25
CA LYS A 810 15.93 -2.82 -13.00
C LYS A 810 17.02 -2.28 -12.06
N LEU A 811 16.65 -1.91 -10.83
CA LEU A 811 17.65 -1.39 -9.90
C LEU A 811 18.64 -2.46 -9.48
N LEU A 812 18.15 -3.63 -9.09
CA LEU A 812 19.02 -4.71 -8.63
C LEU A 812 19.60 -5.52 -9.79
N ARG A 813 19.20 -5.23 -11.02
CA ARG A 813 19.74 -5.84 -12.23
C ARG A 813 19.52 -7.37 -12.24
N LEU A 814 18.24 -7.74 -12.29
CA LEU A 814 17.85 -9.13 -12.51
C LEU A 814 17.58 -9.43 -13.98
N GLY A 815 17.67 -8.45 -14.85
CA GLY A 815 17.43 -8.67 -16.26
C GLY A 815 16.12 -8.08 -16.74
N SER A 816 15.65 -8.60 -17.87
CA SER A 816 14.44 -8.10 -18.50
C SER A 816 13.24 -8.30 -17.59
N ILE A 817 12.33 -7.33 -17.60
CA ILE A 817 11.13 -7.40 -16.76
C ILE A 817 10.25 -8.57 -17.20
N HIS A 818 10.05 -8.73 -18.51
CA HIS A 818 9.15 -9.76 -19.00
C HIS A 818 9.64 -11.15 -18.62
N HIS A 819 10.93 -11.43 -18.83
CA HIS A 819 11.48 -12.73 -18.48
C HIS A 819 11.43 -12.96 -16.97
N PHE A 820 11.79 -11.93 -16.20
CA PHE A 820 11.79 -12.08 -14.74
C PHE A 820 10.40 -12.41 -14.22
N LEU A 821 9.38 -11.74 -14.74
CA LEU A 821 8.02 -12.02 -14.32
C LEU A 821 7.46 -13.31 -14.91
N SER A 822 7.98 -13.76 -16.05
CA SER A 822 7.69 -15.11 -16.51
C SER A 822 8.30 -16.15 -15.59
N LYS A 823 9.37 -15.80 -14.88
CA LYS A 823 9.95 -16.68 -13.88
C LYS A 823 9.23 -16.62 -12.54
N ALA A 824 8.27 -15.72 -12.37
CA ALA A 824 7.60 -15.57 -11.08
C ALA A 824 6.68 -16.76 -10.81
N LEU A 825 6.27 -16.89 -9.56
CA LEU A 825 5.40 -18.00 -9.16
C LEU A 825 4.06 -17.92 -9.86
N GLU A 826 3.38 -16.78 -9.76
CA GLU A 826 2.11 -16.56 -10.43
C GLU A 826 2.29 -15.39 -11.39
N PRO A 827 2.45 -15.66 -12.69
CA PRO A 827 2.75 -14.59 -13.63
C PRO A 827 1.67 -13.51 -13.62
N PRO A 828 2.06 -12.26 -13.42
CA PRO A 828 1.08 -11.18 -13.47
C PRO A 828 0.56 -11.01 -14.88
N PRO A 829 -0.64 -10.43 -15.04
CA PRO A 829 -1.18 -10.24 -16.39
C PRO A 829 -0.24 -9.41 -17.24
N VAL A 830 -0.06 -9.84 -18.49
CA VAL A 830 0.93 -9.21 -19.37
C VAL A 830 0.59 -7.75 -19.63
N ASP A 831 -0.69 -7.41 -19.64
CA ASP A 831 -1.08 -6.03 -19.89
C ASP A 831 -0.56 -5.11 -18.79
N ALA A 832 -0.60 -5.56 -17.54
CA ALA A 832 -0.05 -4.75 -16.46
C ALA A 832 1.45 -4.56 -16.62
N VAL A 833 2.16 -5.61 -17.03
CA VAL A 833 3.60 -5.51 -17.23
C VAL A 833 3.92 -4.51 -18.33
N ILE A 834 3.19 -4.59 -19.44
CA ILE A 834 3.45 -3.65 -20.54
C ILE A 834 3.04 -2.24 -20.15
N GLU A 835 2.00 -2.08 -19.33
CA GLU A 835 1.63 -0.75 -18.88
C GLU A 835 2.71 -0.15 -18.00
N ALA A 836 3.28 -0.95 -17.10
CA ALA A 836 4.39 -0.46 -16.28
C ALA A 836 5.59 -0.10 -17.13
N GLU A 837 5.94 -0.95 -18.10
CA GLU A 837 7.09 -0.66 -18.95
C GLU A 837 6.88 0.62 -19.74
N VAL A 838 5.67 0.82 -20.28
CA VAL A 838 5.39 2.03 -21.03
C VAL A 838 5.39 3.25 -20.11
N LEU A 839 4.90 3.10 -18.88
CA LEU A 839 4.90 4.21 -17.94
C LEU A 839 6.32 4.65 -17.61
N LEU A 840 7.22 3.69 -17.39
CA LEU A 840 8.61 4.06 -17.13
C LEU A 840 9.30 4.63 -18.37
N ARG A 841 9.12 4.01 -19.53
CA ARG A 841 9.80 4.49 -20.74
C ARG A 841 9.33 5.89 -21.10
N GLU A 842 8.02 6.14 -21.02
CA GLU A 842 7.47 7.43 -21.42
C GLU A 842 7.95 8.56 -20.52
N MET A 843 8.28 8.24 -19.26
CA MET A 843 8.71 9.24 -18.30
C MET A 843 10.24 9.35 -18.24
N ARG A 844 10.95 8.57 -19.06
CA ARG A 844 12.38 8.69 -19.33
C ARG A 844 13.23 8.09 -18.22
N CYS A 845 12.65 7.28 -17.33
CA CYS A 845 13.47 6.52 -16.40
C CYS A 845 14.16 5.33 -17.04
N LEU A 846 13.77 4.97 -18.26
CA LEU A 846 14.42 3.91 -19.02
C LEU A 846 14.73 4.43 -20.41
N ASP A 847 15.92 4.10 -20.91
CA ASP A 847 16.36 4.59 -22.21
C ASP A 847 15.73 3.74 -23.32
N ALA A 848 16.20 3.92 -24.55
CA ALA A 848 15.68 3.16 -25.68
C ALA A 848 16.01 1.67 -25.58
N ASN A 849 17.08 1.31 -24.86
CA ASN A 849 17.49 -0.08 -24.71
C ASN A 849 16.94 -0.71 -23.43
N ASP A 850 15.92 -0.09 -22.83
CA ASP A 850 15.29 -0.59 -21.60
C ASP A 850 16.29 -0.70 -20.46
N GLU A 851 17.37 0.08 -20.51
CA GLU A 851 18.35 0.13 -19.43
C GLU A 851 17.94 1.20 -18.42
N LEU A 852 18.75 1.33 -17.38
CA LEU A 852 18.46 2.25 -16.28
C LEU A 852 19.28 3.52 -16.43
N THR A 853 18.59 4.64 -16.60
CA THR A 853 19.22 5.95 -16.58
C THR A 853 19.41 6.40 -15.13
N PRO A 854 20.34 7.33 -14.89
CA PRO A 854 20.54 7.80 -13.50
C PRO A 854 19.26 8.30 -12.83
N LEU A 855 18.36 8.93 -13.58
CA LEU A 855 17.07 9.29 -13.01
C LEU A 855 16.31 8.05 -12.55
N GLY A 856 16.33 6.99 -13.35
CA GLY A 856 15.66 5.76 -12.96
C GLY A 856 16.25 5.16 -11.69
N ARG A 857 17.58 5.15 -11.58
CA ARG A 857 18.22 4.63 -10.38
C ARG A 857 17.86 5.46 -9.16
N LEU A 858 17.89 6.79 -9.28
CA LEU A 858 17.54 7.65 -8.16
C LEU A 858 16.10 7.44 -7.73
N LEU A 859 15.19 7.31 -8.68
CA LEU A 859 13.79 7.06 -8.35
C LEU A 859 13.60 5.68 -7.74
N ALA A 860 14.39 4.70 -8.17
CA ALA A 860 14.34 3.37 -7.57
C ALA A 860 14.76 3.42 -6.11
N ARG A 861 15.79 4.20 -5.80
CA ARG A 861 16.25 4.29 -4.42
C ARG A 861 15.25 5.00 -3.49
N LEU A 862 14.21 5.67 -4.00
CA LEU A 862 13.27 6.39 -3.16
C LEU A 862 12.04 5.54 -2.86
N PRO A 863 11.51 5.59 -1.63
CA PRO A 863 10.31 4.83 -1.26
C PRO A 863 9.01 5.56 -1.60
N ILE A 864 8.93 6.05 -2.83
CA ILE A 864 7.81 6.88 -3.27
C ILE A 864 7.40 6.46 -4.67
N GLU A 865 6.22 6.90 -5.08
CA GLU A 865 5.76 6.64 -6.43
C GLU A 865 6.72 7.29 -7.43
N PRO A 866 7.06 6.59 -8.52
CA PRO A 866 8.06 7.14 -9.45
C PRO A 866 7.69 8.51 -10.00
N ARG A 867 6.41 8.74 -10.29
CA ARG A 867 5.96 10.07 -10.68
C ARG A 867 6.24 11.07 -9.57
N LEU A 868 5.93 10.70 -8.34
CA LEU A 868 6.21 11.56 -7.19
C LEU A 868 7.70 11.80 -7.04
N GLY A 869 8.53 10.80 -7.37
CA GLY A 869 9.97 11.01 -7.31
C GLY A 869 10.47 12.00 -8.34
N LYS A 870 9.98 11.90 -9.57
CA LYS A 870 10.35 12.88 -10.60
C LYS A 870 9.90 14.28 -10.19
N MET A 871 8.68 14.39 -9.68
CA MET A 871 8.19 15.67 -9.18
C MET A 871 9.03 16.20 -8.03
N MET A 872 9.49 15.34 -7.13
CA MET A 872 10.33 15.77 -6.03
C MET A 872 11.69 16.27 -6.54
N VAL A 873 12.26 15.57 -7.52
CA VAL A 873 13.54 16.04 -8.08
C VAL A 873 13.37 17.40 -8.73
N LEU A 874 12.27 17.59 -9.49
CA LEU A 874 12.02 18.90 -10.09
C LEU A 874 11.86 19.97 -9.01
N GLY A 875 11.18 19.65 -7.91
CA GLY A 875 11.09 20.59 -6.82
C GLY A 875 12.45 20.91 -6.21
N ALA A 876 13.34 19.92 -6.18
CA ALA A 876 14.67 20.14 -5.65
C ALA A 876 15.48 21.07 -6.56
N VAL A 877 15.26 20.97 -7.88
CA VAL A 877 15.98 21.83 -8.81
C VAL A 877 15.59 23.30 -8.60
N PHE A 878 14.32 23.55 -8.27
CA PHE A 878 13.83 24.91 -8.09
C PHE A 878 14.00 25.43 -6.67
N GLY A 879 14.66 24.67 -5.80
CA GLY A 879 14.94 25.15 -4.45
C GLY A 879 13.77 25.19 -3.50
N CYS A 880 12.85 24.25 -3.63
CA CYS A 880 11.67 24.16 -2.75
C CYS A 880 11.44 22.72 -2.32
N ALA A 881 12.51 22.03 -1.92
CA ALA A 881 12.43 20.60 -1.68
C ALA A 881 11.68 20.25 -0.39
N ASP A 882 11.62 21.16 0.58
CA ASP A 882 10.95 20.86 1.85
C ASP A 882 9.44 20.74 1.64
N LEU A 883 8.83 21.82 1.14
CA LEU A 883 7.40 21.78 0.82
C LEU A 883 7.12 20.69 -0.21
N MET A 884 8.01 20.53 -1.18
CA MET A 884 7.79 19.53 -2.22
C MET A 884 7.74 18.13 -1.62
N ALA A 885 8.64 17.84 -0.68
CA ALA A 885 8.71 16.50 -0.08
C ALA A 885 7.51 16.26 0.83
N ILE A 886 7.15 17.23 1.66
CA ILE A 886 6.01 17.02 2.54
C ILE A 886 4.73 16.84 1.71
N MET A 887 4.61 17.58 0.61
CA MET A 887 3.42 17.49 -0.21
C MET A 887 3.37 16.17 -0.97
N ALA A 888 4.52 15.69 -1.46
CA ALA A 888 4.58 14.37 -2.08
C ALA A 888 4.25 13.27 -1.08
N SER A 889 4.78 13.38 0.14
CA SER A 889 4.48 12.38 1.17
C SER A 889 2.99 12.35 1.49
N TYR A 890 2.27 13.47 1.48
CA TYR A 890 0.79 13.49 1.69
C TYR A 890 0.06 12.87 0.51
N SER A 891 0.79 12.57 -0.54
CA SER A 891 0.13 12.04 -1.76
C SER A 891 0.57 10.62 -1.92
N SER A 892 0.81 9.97 -0.79
CA SER A 892 1.10 8.53 -0.83
C SER A 892 0.82 7.98 0.56
N THR A 893 -0.32 8.37 1.15
CA THR A 893 -0.56 7.95 2.55
C THR A 893 -1.83 7.13 2.68
N PHE A 894 -2.86 7.43 1.91
CA PHE A 894 -4.15 6.74 2.16
C PHE A 894 -4.43 6.98 3.62
N SER A 895 -4.56 8.24 3.99
CA SER A 895 -4.96 8.53 5.39
C SER A 895 -5.65 9.89 5.36
N GLU A 896 -6.33 10.33 6.40
CA GLU A 896 -6.93 11.68 6.24
C GLU A 896 -6.27 12.63 7.25
N VAL A 897 -6.16 13.90 6.92
CA VAL A 897 -5.54 14.89 7.85
C VAL A 897 -6.66 15.49 8.67
N PHE A 898 -7.77 15.85 8.04
CA PHE A 898 -8.92 16.47 8.74
C PHE A 898 -9.90 15.38 9.09
N SER A 899 -10.38 15.41 10.31
CA SER A 899 -11.27 14.34 10.81
C SER A 899 -12.69 14.88 10.96
N LEU A 900 -13.50 14.79 9.91
CA LEU A 900 -14.91 15.24 10.03
C LEU A 900 -15.55 14.35 11.08
N ASP A 901 -16.34 14.95 11.97
CA ASP A 901 -17.05 14.17 13.03
C ASP A 901 -17.94 13.13 12.35
N ILE A 902 -18.18 12.00 13.01
CA ILE A 902 -18.97 10.91 12.38
C ILE A 902 -20.21 11.47 11.68
N GLY A 903 -20.24 11.44 10.34
CA GLY A 903 -21.45 11.87 9.60
C GLY A 903 -21.29 13.19 8.86
N GLN A 904 -20.88 14.24 9.56
CA GLN A 904 -20.80 15.56 8.91
C GLN A 904 -20.14 15.39 7.54
N ARG A 905 -20.83 15.79 6.48
CA ARG A 905 -20.29 15.58 5.12
C ARG A 905 -19.59 16.85 4.62
N ARG A 906 -18.71 17.41 5.43
CA ARG A 906 -17.92 18.59 5.01
C ARG A 906 -16.97 18.85 6.18
N LEU A 907 -15.93 19.63 5.99
CA LEU A 907 -15.10 19.94 7.18
C LEU A 907 -15.86 20.97 8.00
N ALA A 908 -15.38 22.21 8.07
CA ALA A 908 -16.18 23.24 8.74
C ALA A 908 -15.66 24.65 8.45
N ASN A 909 -15.22 25.37 9.48
CA ASN A 909 -14.64 26.70 9.25
C ASN A 909 -13.34 26.79 10.03
N HIS A 910 -13.12 25.88 10.95
CA HIS A 910 -11.76 25.91 11.56
C HIS A 910 -10.83 25.30 10.52
N GLN A 911 -11.15 24.09 10.06
CA GLN A 911 -10.24 23.40 9.12
C GLN A 911 -10.28 24.08 7.76
N LYS A 912 -11.44 24.47 7.26
CA LYS A 912 -11.56 25.00 5.89
C LYS A 912 -11.02 26.41 5.87
N ALA A 913 -10.17 26.75 6.83
CA ALA A 913 -9.52 28.07 6.73
C ALA A 913 -8.02 27.81 6.56
N LEU A 914 -7.53 26.71 7.07
CA LEU A 914 -6.09 26.42 6.84
C LEU A 914 -5.89 26.63 5.36
N SER A 915 -6.68 26.01 4.50
CA SER A 915 -6.38 26.20 3.07
C SER A 915 -6.23 27.68 2.83
N GLY A 916 -7.20 28.45 3.29
CA GLY A 916 -7.15 29.90 3.09
C GLY A 916 -7.48 30.29 1.68
N THR A 917 -7.17 31.50 1.27
CA THR A 917 -7.60 31.95 -0.05
C THR A 917 -7.04 31.10 -1.17
N LYS A 918 -6.16 30.14 -0.87
CA LYS A 918 -5.61 29.30 -1.92
C LYS A 918 -6.63 28.29 -2.42
N CYS A 919 -7.59 27.92 -1.58
CA CYS A 919 -8.63 26.95 -1.94
C CYS A 919 -8.02 25.64 -2.45
N SER A 920 -6.99 25.17 -1.76
CA SER A 920 -6.32 23.94 -2.11
C SER A 920 -6.07 23.12 -0.87
N ASP A 921 -6.21 21.80 -1.00
CA ASP A 921 -5.99 20.91 0.15
C ASP A 921 -4.52 20.89 0.55
N HIS A 922 -3.61 20.97 -0.42
CA HIS A 922 -2.20 20.84 -0.11
C HIS A 922 -1.68 22.03 0.68
N VAL A 923 -2.14 23.24 0.35
CA VAL A 923 -1.72 24.41 1.13
C VAL A 923 -2.26 24.31 2.55
N ALA A 924 -3.49 23.81 2.70
CA ALA A 924 -4.04 23.60 4.04
C ALA A 924 -3.24 22.57 4.82
N MET A 925 -2.82 21.48 4.17
CA MET A 925 -1.99 20.47 4.82
C MET A 925 -0.66 21.07 5.24
N ILE A 926 -0.08 21.91 4.39
CA ILE A 926 1.18 22.57 4.72
C ILE A 926 1.02 23.47 5.94
N VAL A 927 -0.05 24.28 5.96
CA VAL A 927 -0.27 25.19 7.08
C VAL A 927 -0.51 24.41 8.37
N ALA A 928 -1.30 23.34 8.28
CA ALA A 928 -1.57 22.51 9.45
C ALA A 928 -0.30 21.88 9.99
N SER A 929 0.54 21.34 9.09
CA SER A 929 1.80 20.74 9.54
C SER A 929 2.73 21.77 10.15
N GLN A 930 2.79 22.98 9.57
CA GLN A 930 3.66 24.01 10.12
C GLN A 930 3.21 24.42 11.52
N MET A 931 1.89 24.56 11.73
CA MET A 931 1.40 24.89 13.07
C MET A 931 1.63 23.73 14.04
N TRP A 932 1.44 22.50 13.56
CA TRP A 932 1.56 21.32 14.42
C TRP A 932 3.01 21.09 14.84
N ARG A 933 3.97 21.42 13.98
CA ARG A 933 5.37 21.34 14.36
C ARG A 933 5.67 22.23 15.55
N ARG A 934 5.24 23.50 15.50
CA ARG A 934 5.47 24.40 16.63
C ARG A 934 4.73 23.92 17.87
N GLU A 935 3.49 23.43 17.70
CA GLU A 935 2.72 22.97 18.85
C GLU A 935 3.39 21.80 19.53
N LYS A 936 3.95 20.85 18.76
CA LYS A 936 4.69 19.76 19.37
C LYS A 936 5.98 20.27 20.02
N GLN A 937 6.68 21.18 19.35
CA GLN A 937 7.92 21.71 19.91
C GLN A 937 7.69 22.43 21.23
N ARG A 938 6.48 22.93 21.47
CA ARG A 938 6.19 23.56 22.75
C ARG A 938 5.61 22.59 23.77
N GLY A 939 5.01 21.49 23.34
CA GLY A 939 4.52 20.48 24.26
C GLY A 939 3.80 19.36 23.54
N GLU A 940 3.95 18.15 24.08
CA GLU A 940 3.24 17.00 23.52
C GLU A 940 1.76 17.04 23.89
N HIS A 941 1.45 17.37 25.14
CA HIS A 941 0.06 17.63 25.51
C HIS A 941 -0.47 18.82 24.72
N MET A 942 0.40 19.77 24.42
CA MET A 942 0.03 20.85 23.50
C MET A 942 -0.30 20.31 22.12
N GLU A 943 0.46 19.32 21.64
CA GLU A 943 0.14 18.69 20.36
C GLU A 943 -1.23 18.03 20.41
N ALA A 944 -1.53 17.33 21.49
CA ALA A 944 -2.84 16.68 21.62
C ALA A 944 -3.97 17.70 21.63
N ARG A 945 -3.83 18.77 22.42
CA ARG A 945 -4.92 19.73 22.49
C ARG A 945 -5.07 20.51 21.19
N PHE A 946 -3.95 20.76 20.49
CA PHE A 946 -4.02 21.41 19.19
C PHE A 946 -4.74 20.54 18.18
N CYS A 947 -4.43 19.24 18.17
CA CYS A 947 -5.13 18.33 17.27
C CYS A 947 -6.61 18.26 17.60
N ASP A 948 -6.95 18.30 18.89
CA ASP A 948 -8.36 18.32 19.27
C ASP A 948 -9.04 19.60 18.80
N TRP A 949 -8.39 20.75 18.96
CA TRP A 949 -9.00 22.03 18.62
C TRP A 949 -9.17 22.18 17.11
N LYS A 950 -8.12 21.93 16.35
CA LYS A 950 -8.13 22.18 14.91
C LYS A 950 -8.70 21.03 14.11
N GLY A 951 -9.11 19.94 14.75
CA GLY A 951 -9.74 18.84 14.05
C GLY A 951 -8.81 18.10 13.10
N LEU A 952 -7.57 17.88 13.51
CA LEU A 952 -6.60 17.14 12.72
C LEU A 952 -6.46 15.71 13.22
N GLN A 953 -5.50 15.00 12.65
CA GLN A 953 -5.16 13.65 13.07
C GLN A 953 -3.68 13.62 13.42
N MET A 954 -3.38 13.29 14.67
CA MET A 954 -2.00 13.30 15.14
C MET A 954 -1.15 12.26 14.40
N SER A 955 -1.70 11.06 14.21
CA SER A 955 -0.94 10.00 13.57
C SER A 955 -0.65 10.34 12.11
N THR A 956 -1.62 10.94 11.41
CA THR A 956 -1.39 11.33 10.03
C THR A 956 -0.28 12.36 9.92
N MET A 957 -0.29 13.36 10.80
CA MET A 957 0.78 14.36 10.79
C MET A 957 2.13 13.71 11.08
N ASN A 958 2.17 12.80 12.05
CA ASN A 958 3.44 12.15 12.40
C ASN A 958 3.98 11.35 11.22
N VAL A 959 3.12 10.56 10.56
CA VAL A 959 3.59 9.73 9.47
C VAL A 959 3.99 10.58 8.26
N ILE A 960 3.24 11.66 8.00
CA ILE A 960 3.58 12.53 6.89
C ILE A 960 4.94 13.19 7.13
N TRP A 961 5.16 13.69 8.35
CA TRP A 961 6.43 14.33 8.66
C TRP A 961 7.58 13.33 8.60
N ASP A 962 7.37 12.11 9.09
CA ASP A 962 8.43 11.10 9.05
C ASP A 962 8.78 10.73 7.61
N ALA A 963 7.77 10.54 6.76
CA ALA A 963 8.03 10.23 5.36
C ALA A 963 8.74 11.38 4.67
N LYS A 964 8.36 12.62 4.98
CA LYS A 964 9.01 13.78 4.39
C LYS A 964 10.48 13.86 4.82
N GLN A 965 10.75 13.60 6.10
CA GLN A 965 12.13 13.64 6.57
C GLN A 965 12.96 12.52 5.93
N GLN A 966 12.36 11.33 5.77
CA GLN A 966 13.07 10.26 5.10
C GLN A 966 13.38 10.61 3.64
N LEU A 967 12.41 11.24 2.96
CA LEU A 967 12.64 11.67 1.58
C LEU A 967 13.76 12.69 1.51
N LEU A 968 13.76 13.65 2.43
CA LEU A 968 14.83 14.67 2.45
C LEU A 968 16.18 14.02 2.72
N ASP A 969 16.23 13.06 3.65
CA ASP A 969 17.50 12.40 3.95
C ASP A 969 18.00 11.63 2.74
N LEU A 970 17.12 10.91 2.05
CA LEU A 970 17.55 10.16 0.88
C LEU A 970 17.99 11.08 -0.25
N LEU A 971 17.32 12.22 -0.41
CA LEU A 971 17.74 13.19 -1.41
C LEU A 971 19.12 13.76 -1.07
N GLN A 972 19.37 14.02 0.22
CA GLN A 972 20.69 14.46 0.64
C GLN A 972 21.75 13.40 0.37
N GLN A 973 21.39 12.12 0.54
CA GLN A 973 22.34 11.04 0.33
C GLN A 973 22.82 10.98 -1.11
N ALA A 974 21.94 11.29 -2.07
CA ALA A 974 22.32 11.25 -3.47
C ALA A 974 23.27 12.38 -3.86
N GLY A 975 23.38 13.41 -3.03
CA GLY A 975 24.29 14.52 -3.30
C GLY A 975 23.62 15.87 -3.47
N PHE A 976 22.31 15.98 -3.34
CA PHE A 976 21.65 17.28 -3.47
C PHE A 976 22.01 18.15 -2.27
N PRO A 977 22.48 19.37 -2.49
CA PRO A 977 22.89 20.22 -1.35
C PRO A 977 21.71 20.61 -0.49
N GLU A 978 22.00 20.84 0.79
CA GLU A 978 20.97 21.21 1.75
C GLU A 978 20.34 22.57 1.45
N GLU A 979 21.05 23.44 0.72
CA GLU A 979 20.53 24.77 0.43
C GLU A 979 19.23 24.71 -0.39
N CYS A 980 18.97 23.60 -1.06
CA CYS A 980 17.75 23.45 -1.84
C CYS A 980 16.56 22.97 -1.01
N MET A 981 16.77 22.60 0.25
CA MET A 981 15.69 22.07 1.07
C MET A 981 15.52 22.85 2.37
N ILE A 982 15.80 24.15 2.34
CA ILE A 982 15.52 24.98 3.50
C ILE A 982 14.01 25.12 3.66
N SER A 983 13.53 25.05 4.90
CA SER A 983 12.11 25.10 5.16
C SER A 983 11.58 26.51 4.88
N HIS A 984 10.49 26.58 4.11
CA HIS A 984 9.87 27.84 3.73
C HIS A 984 8.53 27.95 4.41
N GLU A 985 8.35 29.00 5.20
CA GLU A 985 7.06 29.23 5.85
C GLU A 985 6.05 29.70 4.82
N VAL A 986 4.85 29.10 4.85
CA VAL A 986 3.78 29.40 3.90
C VAL A 986 2.72 30.21 4.62
N ASP A 987 2.40 31.38 4.06
CA ASP A 987 1.36 32.27 4.60
C ASP A 987 0.13 32.14 3.69
N GLU A 988 -0.78 31.25 4.07
CA GLU A 988 -1.96 31.02 3.25
C GLU A 988 -2.92 32.20 3.27
N ARG A 989 -2.84 33.08 4.27
CA ARG A 989 -3.73 34.24 4.32
C ARG A 989 -3.42 35.27 3.25
N ILE A 990 -2.20 35.30 2.73
CA ILE A 990 -1.86 36.26 1.69
C ILE A 990 -2.51 35.81 0.37
N ASP A 991 -3.15 36.75 -0.31
CA ASP A 991 -3.72 36.48 -1.63
C ASP A 991 -2.89 37.20 -2.68
N GLY A 992 -2.85 36.65 -3.88
CA GLY A 992 -2.05 37.23 -4.94
C GLY A 992 -0.96 36.31 -5.45
N ASP A 993 0.29 36.68 -5.22
CA ASP A 993 1.44 35.95 -5.74
C ASP A 993 2.35 35.46 -4.62
N ASP A 994 2.89 34.26 -4.80
CA ASP A 994 3.89 33.70 -3.89
C ASP A 994 4.73 32.74 -4.71
N PRO A 995 5.97 33.11 -5.03
CA PRO A 995 6.75 32.32 -6.01
C PRO A 995 6.94 30.86 -5.63
N VAL A 996 7.37 30.58 -4.41
CA VAL A 996 7.68 29.20 -4.03
C VAL A 996 6.41 28.36 -3.99
N LEU A 997 5.37 28.87 -3.32
CA LEU A 997 4.13 28.10 -3.21
C LEU A 997 3.47 27.91 -4.57
N ASP A 998 3.51 28.95 -5.41
CA ASP A 998 2.89 28.84 -6.73
C ASP A 998 3.65 27.87 -7.63
N VAL A 999 4.98 27.89 -7.57
CA VAL A 999 5.74 26.94 -8.37
C VAL A 999 5.54 25.52 -7.84
N SER A 1000 5.33 25.38 -6.53
CA SER A 1000 4.99 24.06 -5.99
C SER A 1000 3.66 23.56 -6.53
N LEU A 1001 2.64 24.42 -6.50
CA LEU A 1001 1.34 24.03 -7.03
C LEU A 1001 1.42 23.73 -8.52
N ALA A 1002 2.30 24.43 -9.25
CA ALA A 1002 2.50 24.14 -10.66
C ALA A 1002 3.15 22.77 -10.85
N LEU A 1003 4.18 22.46 -10.05
CA LEU A 1003 4.82 21.16 -10.16
C LEU A 1003 3.89 20.02 -9.77
N LEU A 1004 2.85 20.31 -8.99
CA LEU A 1004 1.82 19.31 -8.76
C LEU A 1004 1.24 18.78 -10.06
N CYS A 1005 1.05 19.66 -11.05
CA CYS A 1005 0.48 19.21 -12.32
C CYS A 1005 1.36 18.17 -12.98
N LEU A 1006 2.69 18.31 -12.84
CA LEU A 1006 3.60 17.30 -13.36
C LEU A 1006 3.65 16.06 -12.48
N GLY A 1007 3.44 16.22 -11.17
CA GLY A 1007 3.50 15.08 -10.27
C GLY A 1007 2.24 14.25 -10.22
N LEU A 1008 1.10 14.84 -10.56
CA LEU A 1008 -0.20 14.15 -10.50
C LEU A 1008 -0.83 14.05 -11.88
N TYR A 1009 -0.02 14.06 -12.92
CA TYR A 1009 -0.50 13.84 -14.28
C TYR A 1009 -1.05 12.42 -14.40
N PRO A 1010 -2.22 12.22 -15.02
CA PRO A 1010 -3.13 13.18 -15.64
C PRO A 1010 -4.38 13.45 -14.83
N ASN A 1011 -4.26 13.63 -13.51
CA ASN A 1011 -5.43 13.84 -12.65
C ASN A 1011 -5.78 15.32 -12.59
N ILE A 1012 -6.45 15.78 -13.65
CA ILE A 1012 -6.89 17.17 -13.78
C ILE A 1012 -8.39 17.19 -13.94
N CYS A 1013 -9.01 18.30 -13.55
CA CYS A 1013 -10.46 18.44 -13.67
C CYS A 1013 -10.83 19.91 -13.76
N VAL A 1014 -12.07 20.15 -14.20
CA VAL A 1014 -12.61 21.50 -14.33
C VAL A 1014 -13.93 21.56 -13.58
N HIS A 1015 -14.06 22.54 -12.69
CA HIS A 1015 -15.26 22.71 -11.89
C HIS A 1015 -16.30 23.57 -12.62
N LYS A 1016 -17.59 23.26 -12.41
CA LYS A 1016 -18.65 24.12 -12.91
C LYS A 1016 -19.39 24.84 -11.80
N GLU A 1017 -20.02 24.10 -10.88
CA GLU A 1017 -20.81 24.72 -9.83
C GLU A 1017 -21.03 23.71 -8.72
N LYS A 1018 -21.22 24.23 -7.50
CA LYS A 1018 -21.44 23.41 -6.32
C LYS A 1018 -20.36 22.34 -6.17
N ARG A 1019 -20.69 21.11 -6.51
CA ARG A 1019 -19.78 19.98 -6.35
C ARG A 1019 -19.56 19.21 -7.64
N LYS A 1020 -19.84 19.80 -8.79
CA LYS A 1020 -19.77 19.10 -10.06
C LYS A 1020 -18.53 19.52 -10.84
N VAL A 1021 -17.71 18.53 -11.23
CA VAL A 1021 -16.52 18.76 -12.02
C VAL A 1021 -16.50 17.76 -13.17
N LEU A 1022 -15.65 18.03 -14.14
CA LEU A 1022 -15.38 17.13 -15.25
C LEU A 1022 -13.93 16.71 -15.22
N THR A 1023 -13.70 15.40 -15.21
CA THR A 1023 -12.40 14.81 -15.40
C THR A 1023 -12.18 14.62 -16.90
N THR A 1024 -10.97 14.16 -17.27
CA THR A 1024 -10.52 14.08 -18.66
C THR A 1024 -11.59 13.50 -19.57
N GLU A 1025 -11.68 14.08 -20.77
CA GLU A 1025 -12.72 13.76 -21.75
C GLU A 1025 -14.11 14.08 -21.23
N SER A 1026 -14.19 15.01 -20.28
CA SER A 1026 -15.46 15.53 -19.75
C SER A 1026 -16.32 14.41 -19.16
N LYS A 1027 -15.80 13.78 -18.11
CA LYS A 1027 -16.54 12.78 -17.36
C LYS A 1027 -16.97 13.38 -16.03
N ALA A 1028 -18.28 13.32 -15.75
CA ALA A 1028 -18.81 13.96 -14.56
C ALA A 1028 -18.27 13.32 -13.30
N ALA A 1029 -18.05 14.16 -12.27
CA ALA A 1029 -17.53 13.68 -11.00
C ALA A 1029 -17.91 14.66 -9.90
N LEU A 1030 -17.86 14.17 -8.67
CA LEU A 1030 -18.27 14.92 -7.49
C LEU A 1030 -17.07 15.24 -6.63
N LEU A 1031 -17.06 16.43 -6.03
CA LEU A 1031 -16.04 16.78 -5.07
C LEU A 1031 -16.30 16.07 -3.75
N HIS A 1032 -15.28 15.43 -3.21
CA HIS A 1032 -15.45 14.65 -1.99
C HIS A 1032 -15.73 15.56 -0.80
N LYS A 1033 -16.48 15.03 0.17
CA LYS A 1033 -16.89 15.80 1.34
C LYS A 1033 -15.71 16.23 2.20
N THR A 1034 -14.62 15.46 2.20
CA THR A 1034 -13.48 15.78 3.05
C THR A 1034 -12.68 16.96 2.52
N SER A 1035 -12.60 17.11 1.19
CA SER A 1035 -11.81 18.18 0.60
C SER A 1035 -12.37 19.54 0.97
N VAL A 1036 -11.47 20.51 1.18
CA VAL A 1036 -11.87 21.83 1.63
C VAL A 1036 -12.64 22.63 0.58
N ASN A 1037 -12.64 22.18 -0.66
CA ASN A 1037 -13.36 22.87 -1.73
C ASN A 1037 -14.82 22.46 -1.83
N CYS A 1038 -15.26 21.49 -1.04
CA CYS A 1038 -16.66 21.10 -1.05
C CYS A 1038 -17.53 22.20 -0.46
N SER A 1039 -18.67 22.46 -1.12
CA SER A 1039 -19.56 23.51 -0.67
C SER A 1039 -20.99 23.16 -1.06
N ASN A 1040 -21.94 23.47 -0.18
CA ASN A 1040 -23.35 23.23 -0.47
C ASN A 1040 -23.99 24.38 -1.23
N LEU A 1041 -23.31 25.50 -1.38
CA LEU A 1041 -23.83 26.64 -2.12
C LEU A 1041 -23.28 26.64 -3.54
N ALA A 1042 -23.91 27.44 -4.39
CA ALA A 1042 -23.49 27.58 -5.79
C ALA A 1042 -22.40 28.64 -5.91
N VAL A 1043 -21.36 28.47 -5.11
CA VAL A 1043 -20.25 29.41 -5.10
C VAL A 1043 -19.34 29.15 -6.31
N THR A 1044 -18.55 30.17 -6.65
CA THR A 1044 -17.62 30.10 -7.76
C THR A 1044 -16.22 30.45 -7.29
N PHE A 1045 -15.23 29.91 -7.99
CA PHE A 1045 -13.81 30.07 -7.73
C PHE A 1045 -13.14 30.88 -8.84
N PRO A 1046 -12.03 31.56 -8.53
CA PRO A 1046 -11.37 32.38 -9.55
C PRO A 1046 -10.89 31.56 -10.75
N TYR A 1047 -10.08 30.53 -10.49
CA TYR A 1047 -9.54 29.70 -11.55
C TYR A 1047 -10.18 28.32 -11.49
N PRO A 1048 -10.93 27.90 -12.51
CA PRO A 1048 -11.71 26.67 -12.43
C PRO A 1048 -10.94 25.38 -12.75
N PHE A 1049 -9.61 25.40 -12.79
CA PHE A 1049 -8.85 24.20 -13.07
C PHE A 1049 -8.27 23.64 -11.78
N PHE A 1050 -8.43 22.33 -11.57
CA PHE A 1050 -7.95 21.67 -10.37
C PHE A 1050 -7.13 20.45 -10.73
N VAL A 1051 -6.21 20.09 -9.84
CA VAL A 1051 -5.48 18.84 -9.90
C VAL A 1051 -5.71 18.10 -8.59
N PHE A 1052 -6.11 16.84 -8.68
CA PHE A 1052 -6.43 16.06 -7.49
C PHE A 1052 -5.53 14.83 -7.42
N GLY A 1053 -5.47 14.25 -6.22
CA GLY A 1053 -4.56 13.16 -5.96
C GLY A 1053 -5.13 11.77 -6.19
N GLU A 1054 -6.42 11.59 -5.90
CA GLU A 1054 -7.05 10.27 -6.02
C GLU A 1054 -8.40 10.40 -6.71
N LYS A 1055 -8.81 9.33 -7.37
CA LYS A 1055 -10.12 9.26 -8.02
C LYS A 1055 -10.83 8.02 -7.48
N ILE A 1056 -11.64 8.20 -6.45
CA ILE A 1056 -12.25 7.05 -5.74
C ILE A 1056 -13.64 6.80 -6.27
N ARG A 1057 -13.98 5.55 -6.62
CA ARG A 1057 -15.35 5.20 -7.07
C ARG A 1057 -16.22 4.96 -5.85
N THR A 1058 -17.45 5.44 -5.90
CA THR A 1058 -18.42 5.21 -4.81
C THR A 1058 -19.74 4.97 -5.53
N ARG A 1059 -20.75 5.80 -5.29
CA ARG A 1059 -21.97 5.69 -6.12
C ARG A 1059 -21.88 6.85 -7.10
N ALA A 1060 -20.70 7.44 -7.21
CA ALA A 1060 -20.45 8.53 -8.17
C ALA A 1060 -18.94 8.78 -8.19
N VAL A 1061 -18.29 8.68 -9.33
CA VAL A 1061 -16.83 8.83 -9.28
C VAL A 1061 -16.58 10.05 -8.42
N SER A 1062 -15.74 9.97 -7.39
CA SER A 1062 -15.42 11.18 -6.59
C SER A 1062 -13.92 11.52 -6.73
N CYS A 1063 -13.48 12.76 -6.41
CA CYS A 1063 -12.03 13.09 -6.45
C CYS A 1063 -11.48 13.40 -5.05
N LYS A 1064 -10.18 13.34 -4.83
CA LYS A 1064 -9.52 13.50 -3.53
C LYS A 1064 -8.20 14.25 -3.69
N GLN A 1065 -7.89 15.08 -2.69
CA GLN A 1065 -6.68 15.89 -2.64
C GLN A 1065 -6.62 16.91 -3.77
N LEU A 1066 -7.66 17.74 -3.83
CA LEU A 1066 -7.77 18.77 -4.85
C LEU A 1066 -6.88 19.97 -4.55
N SER A 1067 -6.47 20.66 -5.61
CA SER A 1067 -5.74 21.92 -5.48
C SER A 1067 -5.96 22.74 -6.74
N MET A 1068 -6.25 24.03 -6.56
CA MET A 1068 -6.49 24.92 -7.69
C MET A 1068 -5.17 25.25 -8.40
N VAL A 1069 -5.21 25.25 -9.73
CA VAL A 1069 -4.04 25.55 -10.54
C VAL A 1069 -4.43 26.50 -11.66
N SER A 1070 -3.54 27.44 -11.98
CA SER A 1070 -3.78 28.39 -13.05
CA SER A 1070 -3.78 28.39 -13.05
C SER A 1070 -3.66 27.71 -14.41
N PRO A 1071 -4.29 28.29 -15.45
CA PRO A 1071 -4.17 27.67 -16.78
C PRO A 1071 -2.74 27.55 -17.28
N LEU A 1072 -1.88 28.53 -16.98
CA LEU A 1072 -0.49 28.44 -17.42
C LEU A 1072 0.21 27.26 -16.76
N GLN A 1073 -0.04 27.02 -15.48
CA GLN A 1073 0.54 25.87 -14.81
C GLN A 1073 0.09 24.56 -15.44
N VAL A 1074 -1.19 24.48 -15.78
CA VAL A 1074 -1.72 23.27 -16.42
C VAL A 1074 -1.08 23.06 -17.79
N ILE A 1075 -0.95 24.14 -18.58
CA ILE A 1075 -0.34 24.01 -19.89
C ILE A 1075 1.12 23.59 -19.78
N LEU A 1076 1.85 24.18 -18.84
CA LEU A 1076 3.27 23.88 -18.71
C LEU A 1076 3.50 22.46 -18.20
N PHE A 1077 2.77 22.05 -17.17
CA PHE A 1077 3.09 20.83 -16.45
C PHE A 1077 2.01 19.75 -16.49
N GLY A 1078 0.90 19.99 -17.17
CA GLY A 1078 -0.20 19.04 -17.12
C GLY A 1078 -0.62 18.43 -18.44
N SER A 1079 0.30 18.36 -19.39
CA SER A 1079 0.00 17.78 -20.70
C SER A 1079 1.29 17.34 -21.37
N ARG A 1080 1.16 16.46 -22.36
CA ARG A 1080 2.28 16.01 -23.16
C ARG A 1080 2.33 16.70 -24.53
N LYS A 1081 1.20 16.75 -25.23
CA LYS A 1081 1.12 17.37 -26.54
C LYS A 1081 0.05 18.45 -26.53
N ILE A 1082 0.34 19.55 -27.21
CA ILE A 1082 -0.59 20.65 -27.37
C ILE A 1082 -0.76 20.91 -28.86
N ASP A 1083 -2.01 20.97 -29.31
CA ASP A 1083 -2.29 21.12 -30.73
C ASP A 1083 -3.16 22.36 -30.97
N LEU A 1084 -3.41 22.64 -32.24
CA LEU A 1084 -4.26 23.75 -32.65
C LEU A 1084 -5.58 23.21 -33.19
N ALA A 1085 -6.68 23.66 -32.60
CA ALA A 1085 -8.01 23.27 -33.03
C ALA A 1085 -8.56 24.30 -34.00
N ALA A 1086 -9.85 24.18 -34.30
CA ALA A 1086 -10.48 25.12 -35.22
C ALA A 1086 -10.56 26.51 -34.60
N ASN A 1087 -10.76 27.50 -35.47
CA ASN A 1087 -10.91 28.92 -35.12
C ASN A 1087 -9.93 29.36 -34.03
N ASN A 1088 -8.68 28.91 -34.19
CA ASN A 1088 -7.55 29.37 -33.38
C ASN A 1088 -7.79 29.17 -31.88
N ILE A 1089 -8.04 27.92 -31.49
CA ILE A 1089 -8.17 27.55 -30.09
C ILE A 1089 -7.16 26.44 -29.79
N VAL A 1090 -6.34 26.64 -28.76
CA VAL A 1090 -5.30 25.68 -28.43
C VAL A 1090 -5.90 24.54 -27.63
N ARG A 1091 -5.64 23.31 -28.07
CA ARG A 1091 -6.18 22.11 -27.44
C ARG A 1091 -5.09 21.43 -26.63
N VAL A 1092 -5.42 21.12 -25.38
CA VAL A 1092 -4.51 20.49 -24.41
C VAL A 1092 -5.11 19.14 -24.05
N ASP A 1093 -4.34 18.07 -24.25
CA ASP A 1093 -4.74 16.72 -23.89
C ASP A 1093 -6.06 16.32 -24.54
N ASN A 1094 -6.36 16.90 -25.71
CA ASN A 1094 -7.51 16.58 -26.53
C ASN A 1094 -8.84 16.86 -25.84
N TRP A 1095 -8.84 17.49 -24.66
CA TRP A 1095 -10.09 17.81 -23.99
C TRP A 1095 -10.15 19.20 -23.37
N LEU A 1096 -9.04 19.92 -23.24
CA LEU A 1096 -9.04 21.27 -22.73
C LEU A 1096 -8.86 22.27 -23.87
N ASN A 1097 -9.63 23.36 -23.82
CA ASN A 1097 -9.56 24.39 -24.85
C ASN A 1097 -9.19 25.71 -24.21
N PHE A 1098 -8.15 26.36 -24.75
CA PHE A 1098 -7.68 27.64 -24.27
C PHE A 1098 -7.68 28.65 -25.42
N ASP A 1099 -8.08 29.89 -25.12
CA ASP A 1099 -7.99 30.99 -26.07
C ASP A 1099 -6.65 31.68 -25.82
N ILE A 1100 -5.66 31.33 -26.64
CA ILE A 1100 -4.29 31.77 -26.43
C ILE A 1100 -3.57 31.76 -27.79
N GLU A 1101 -2.65 32.69 -27.96
CA GLU A 1101 -1.95 32.85 -29.23
C GLU A 1101 -1.20 31.59 -29.58
N PRO A 1102 -1.41 31.00 -30.76
CA PRO A 1102 -0.72 29.74 -31.10
C PRO A 1102 0.79 29.86 -31.10
N GLU A 1103 1.34 31.00 -31.53
CA GLU A 1103 2.79 31.16 -31.53
C GLU A 1103 3.35 31.10 -30.12
N LEU A 1104 2.77 31.88 -29.20
CA LEU A 1104 3.23 31.83 -27.81
C LEU A 1104 2.91 30.49 -27.17
N ALA A 1105 1.84 29.82 -27.62
CA ALA A 1105 1.54 28.48 -27.12
C ALA A 1105 2.64 27.50 -27.48
N ALA A 1106 3.10 27.54 -28.73
CA ALA A 1106 4.24 26.70 -29.12
C ALA A 1106 5.49 27.11 -28.35
N LYS A 1107 5.67 28.42 -28.12
CA LYS A 1107 6.82 28.88 -27.36
C LYS A 1107 6.85 28.27 -25.96
N ILE A 1108 5.73 28.33 -25.25
CA ILE A 1108 5.70 27.81 -23.88
C ILE A 1108 5.80 26.28 -23.90
N GLY A 1109 5.12 25.63 -24.85
CA GLY A 1109 5.17 24.18 -24.91
C GLY A 1109 6.52 23.62 -25.29
N ALA A 1110 7.37 24.42 -25.95
CA ALA A 1110 8.71 23.97 -26.28
C ALA A 1110 9.59 23.77 -25.05
N LEU A 1111 9.18 24.26 -23.89
CA LEU A 1111 10.01 24.17 -22.69
C LEU A 1111 10.01 22.78 -22.06
N LYS A 1112 9.00 21.96 -22.35
CA LYS A 1112 8.92 20.65 -21.71
C LYS A 1112 10.11 19.75 -22.03
N PRO A 1113 10.55 19.60 -23.29
CA PRO A 1113 11.82 18.89 -23.51
C PRO A 1113 12.99 19.54 -22.82
N ALA A 1114 13.01 20.87 -22.73
CA ALA A 1114 14.06 21.55 -21.99
C ALA A 1114 14.00 21.21 -20.51
N LEU A 1115 12.78 21.08 -19.96
CA LEU A 1115 12.65 20.66 -18.57
C LEU A 1115 13.15 19.23 -18.37
N GLU A 1116 12.88 18.35 -19.34
CA GLU A 1116 13.40 17.00 -19.26
C GLU A 1116 14.93 16.99 -19.29
N ASP A 1117 15.52 17.82 -20.15
CA ASP A 1117 16.98 17.92 -20.20
C ASP A 1117 17.52 18.48 -18.88
N LEU A 1118 16.81 19.43 -18.28
CA LEU A 1118 17.21 19.97 -16.98
C LEU A 1118 17.18 18.88 -15.91
N ILE A 1119 16.14 18.06 -15.90
CA ILE A 1119 16.07 16.96 -14.95
C ILE A 1119 17.22 15.99 -15.15
N THR A 1120 17.52 15.66 -16.42
CA THR A 1120 18.62 14.75 -16.69
C THR A 1120 19.95 15.32 -16.20
N VAL A 1121 20.21 16.59 -16.49
CA VAL A 1121 21.49 17.18 -16.10
C VAL A 1121 21.57 17.37 -14.58
N ALA A 1122 20.43 17.58 -13.92
CA ALA A 1122 20.43 17.73 -12.47
C ALA A 1122 20.66 16.40 -11.77
N CYS A 1123 20.02 15.33 -12.26
CA CYS A 1123 20.25 14.02 -11.68
C CYS A 1123 21.64 13.49 -11.99
N ASP A 1124 22.22 13.90 -13.13
CA ASP A 1124 23.58 13.48 -13.46
C ASP A 1124 24.58 14.00 -12.45
N ASN A 1125 24.42 15.26 -12.01
CA ASN A 1125 25.33 15.90 -11.06
C ASN A 1125 24.52 16.47 -9.91
N PRO A 1126 24.15 15.64 -8.93
CA PRO A 1126 23.30 16.13 -7.84
C PRO A 1126 23.90 17.28 -7.06
N SER A 1127 25.23 17.34 -6.93
CA SER A 1127 25.87 18.41 -6.18
C SER A 1127 25.87 19.73 -6.93
N ASP A 1128 25.52 19.75 -8.21
CA ASP A 1128 25.58 20.94 -9.04
C ASP A 1128 24.21 21.37 -9.53
N ILE A 1129 23.20 21.38 -8.66
CA ILE A 1129 21.87 21.81 -9.08
C ILE A 1129 21.68 23.30 -8.82
N LEU A 1130 22.20 23.80 -7.70
CA LEU A 1130 22.08 25.22 -7.39
C LEU A 1130 23.00 26.09 -8.21
N ARG A 1131 24.06 25.53 -8.79
CA ARG A 1131 24.92 26.23 -9.73
C ARG A 1131 24.75 25.53 -11.08
N LEU A 1132 24.48 26.32 -12.12
CA LEU A 1132 24.19 25.80 -13.44
C LEU A 1132 24.70 26.76 -14.50
N GLU A 1133 24.69 26.30 -15.75
CA GLU A 1133 25.01 27.17 -16.86
C GLU A 1133 23.94 28.25 -16.98
N GLU A 1134 24.34 29.38 -17.56
CA GLU A 1134 23.41 30.51 -17.69
C GLU A 1134 22.11 30.17 -18.42
N PRO A 1135 22.10 29.41 -19.53
CA PRO A 1135 20.79 29.11 -20.16
C PRO A 1135 19.83 28.38 -19.24
N TYR A 1136 20.33 27.44 -18.45
CA TYR A 1136 19.43 26.72 -17.54
C TYR A 1136 18.98 27.61 -16.38
N ALA A 1137 19.84 28.52 -15.93
CA ALA A 1137 19.41 29.48 -14.92
C ALA A 1137 18.29 30.37 -15.47
N GLN A 1138 18.43 30.82 -16.72
CA GLN A 1138 17.37 31.61 -17.34
C GLN A 1138 16.09 30.79 -17.49
N LEU A 1139 16.24 29.49 -17.83
CA LEU A 1139 15.08 28.62 -17.93
C LEU A 1139 14.36 28.52 -16.59
N VAL A 1140 15.11 28.34 -15.51
CA VAL A 1140 14.50 28.27 -14.19
C VAL A 1140 13.81 29.58 -13.85
N LYS A 1141 14.45 30.71 -14.18
CA LYS A 1141 13.86 32.01 -13.89
C LYS A 1141 12.53 32.20 -14.63
N VAL A 1142 12.50 31.86 -15.92
CA VAL A 1142 11.26 32.06 -16.67
C VAL A 1142 10.20 31.07 -16.24
N VAL A 1143 10.58 29.86 -15.83
CA VAL A 1143 9.60 28.92 -15.30
C VAL A 1143 9.00 29.46 -14.01
N LYS A 1144 9.84 30.03 -13.14
CA LYS A 1144 9.33 30.63 -11.91
C LYS A 1144 8.40 31.80 -12.21
N ASP A 1145 8.73 32.61 -13.22
CA ASP A 1145 7.87 33.73 -13.59
C ASP A 1145 6.57 33.26 -14.23
N LEU A 1146 6.59 32.12 -14.91
CA LEU A 1146 5.37 31.58 -15.52
C LEU A 1146 4.46 30.92 -14.50
N CYS A 1147 5.05 30.30 -13.46
CA CYS A 1147 4.27 29.54 -12.49
C CYS A 1147 3.55 30.42 -11.48
N VAL A 1148 3.69 31.75 -11.55
CA VAL A 1148 2.96 32.62 -10.65
C VAL A 1148 1.47 32.50 -10.91
N LYS A 1149 0.68 32.73 -9.85
CA LYS A 1149 -0.77 32.58 -9.95
C LYS A 1149 -1.36 33.56 -10.95
N SER A 1150 -0.89 34.81 -10.95
CA SER A 1150 -1.40 35.84 -11.84
C SER A 1150 -0.48 36.07 -13.04
N ALA A 1151 0.18 35.01 -13.51
CA ALA A 1151 1.05 35.16 -14.68
C ALA A 1151 0.25 35.27 -15.96
N GLY A 1152 -0.97 34.73 -15.98
CA GLY A 1152 -1.82 34.82 -17.16
C GLY A 1152 -3.08 35.63 -16.89
N ASP A 1153 -2.95 36.71 -16.12
CA ASP A 1153 -4.10 37.52 -15.75
C ASP A 1153 -3.74 38.97 -16.11
N PHE A 1154 -3.32 39.17 -17.35
CA PHE A 1154 -2.99 40.50 -17.86
C PHE A 1154 -4.12 40.96 -18.77
N GLY A 1155 -4.69 42.13 -18.46
CA GLY A 1155 -5.79 42.64 -19.25
C GLY A 1155 -7.08 41.89 -19.08
N LEU A 1156 -7.20 41.07 -18.04
CA LEU A 1156 -8.40 40.28 -17.78
C LEU A 1156 -8.98 40.69 -16.43
N GLN A 1157 -10.27 41.02 -16.43
CA GLN A 1157 -10.92 41.43 -15.18
C GLN A 1157 -10.95 40.29 -14.17
N ARG A 1158 -11.20 39.07 -14.63
CA ARG A 1158 -11.26 37.88 -13.78
C ARG A 1158 -12.27 38.04 -12.65
#